data_8Z1X
#
_entry.id   8Z1X
#
loop_
_entity.id
_entity.type
_entity.pdbx_description
1 polymer 'Dipeptide transport system permease protein DppB'
2 polymer 'Dipeptide transport system permease protein DppC'
3 polymer 'Dipeptide transport ATP-binding protein DppD'
4 polymer 'Dipeptide transport ATP-binding protein DppF'
5 non-polymer 'IRON/SULFUR CLUSTER'
6 non-polymer 'PHOSPHOAMINOPHOSPHONIC ACID-ADENYLATE ESTER'
#
loop_
_entity_poly.entity_id
_entity_poly.type
_entity_poly.pdbx_seq_one_letter_code
_entity_poly.pdbx_strand_id
1 'polypeptide(L)'
;MLQFILRRLGLVIPTFIGITLLTFAFVHMIPGDPVMIMAGERGISPERHAQLLAELGLDKPMWQQYLHYIWGVMHGDLGI
SMKSRIPVWEEFVPRFQATLELGVCAMIFATAVGIPVGVLAAVKRGSIFDHTAVGLALTGYSMPIFWWGMMLIMLVSVHW
NLTPVSGRVSDMVFLDDSNPLTGFMLIDTAIWGEDGNFIDAVAHMILPAIVLGTIPLAVIVRMTRSSMLEVLGEDYIRTA
RAKGLTRMRVIIVHALRNAMLPVVTVIGLQVGTLLAGAILTETIFSWPGLGRWLIDALQRRDYPVVQGGVLLVATMIILV
NLLVDLLYGVVNPRIRHKK
;
A
2 'polypeptide(L)'
;MSQVTENKVISAPVPMTPLQEFWHYFKRNKGAVVGLVYVVIVLFIAIFANWIAPYNPAEQFRDALLAPPAWQEGGSMAHL
LGTDDVGRDVLSRLMYGARLSLLVGCLVVVLSLIMGVILGLIAGYFGGLVDNIIMRVVDIMLALPSLLLALVLVAIFGPS
IGNAALALTFVALPHYVRLTRAAVLVEVNRDYVTASRVAGAGAMRQMFINIFPNCLAPLIVQASLGFSNAILDMAALGFL
GMGAQPPTPEWGTMLSDVLQFAQSAWWVVTFPGLAILLTVLAFNLMGDGLRDALDPKLKQ
;
B
3 'polypeptide(L)'
;MALLNVDKLSVHFGDESAPFRAVDRISYSVKQGEVVGIVGESGSGKSVSSLAIMGLIDYPGRVMAEKLEFNGQDLQRISE
KERRNLVGAEVAMIFQDPMTSLNPCYTVGFQIMEAIKVHQGGNKSTRRQRAIDLLNQVGIPDPASRLDVYPHQLSGGMSQ
RVMIAMAIACRPKLLIADQPTTALDVTIQAQIIELLLELQQKENMALVLITHDLALVAEAAHKIIVMYAGQVVETGDAHA
IFHAPRHPYTQALLRALPEFAQDKERLASLPGVVPGKYDRPNGCLLNPRCPYATDRCRAEEPALNMLADGRQSKCHYPLD
DAGRPTL
;
C
4 'polypeptide(L)'
;MSTQEATLQQPLLQAIDLKKHYPVKKGMFAPERLVKALDGVSFNLERGKTLAVVGESGCGKSTLGRLLTMIEMPTGGELY
YQGQDLLKHDPQAQKLRRQKIQIVFQNPYGSLNPRKKVGQILEEPLLINTSLSKEQRREKALSMMAKVGLKTEHYDRYPH
MFSGGQRQRIAIARGLMLDPDVVIADQPVSALDVSVRAQVLNLMMDLQQELGLSYVFISHDLSVVEHIADEVMVMYLGRC
VEKGTKDQIFNNPRHPYTQALLSATPRLNPDDRRERIKLSGELPSPLNPPPGCAFNARCRRRFGPCTQLQPQLKDYGGQL
VACFAVDQDENPQR
;
D
#
# COMPACT_ATOMS: atom_id res chain seq x y z
N MET A 1 7.11 -15.26 18.45
CA MET A 1 5.96 -15.75 17.62
C MET A 1 4.71 -16.13 18.43
N LEU A 2 4.79 -16.59 19.68
CA LEU A 2 3.62 -17.12 20.42
C LEU A 2 2.40 -16.18 20.40
N GLN A 3 2.59 -14.88 20.61
CA GLN A 3 1.50 -13.90 20.65
C GLN A 3 0.89 -13.60 19.26
N PHE A 4 1.43 -14.15 18.17
CA PHE A 4 0.76 -14.24 16.87
C PHE A 4 -0.05 -15.54 16.77
N ILE A 5 0.59 -16.71 16.90
CA ILE A 5 -0.08 -17.99 16.64
C ILE A 5 -1.27 -18.22 17.58
N LEU A 6 -1.18 -17.76 18.82
CA LEU A 6 -2.26 -17.84 19.79
C LEU A 6 -3.47 -17.00 19.39
N ARG A 7 -3.30 -15.91 18.63
CA ARG A 7 -4.42 -15.15 18.06
C ARG A 7 -5.04 -15.83 16.84
N ARG A 8 -4.27 -16.57 16.05
CA ARG A 8 -4.81 -17.41 14.97
C ARG A 8 -5.65 -18.56 15.54
N LEU A 9 -5.18 -19.22 16.60
CA LEU A 9 -5.99 -20.16 17.37
C LEU A 9 -7.26 -19.49 17.93
N GLY A 10 -7.15 -18.26 18.44
CA GLY A 10 -8.28 -17.49 18.96
C GLY A 10 -9.37 -17.17 17.93
N LEU A 11 -9.03 -17.07 16.64
CA LEU A 11 -10.00 -16.94 15.55
C LEU A 11 -10.50 -18.29 15.02
N VAL A 12 -9.65 -19.32 15.03
CA VAL A 12 -10.02 -20.67 14.62
C VAL A 12 -11.07 -21.28 15.53
N ILE A 13 -10.95 -21.19 16.85
CA ILE A 13 -11.87 -21.91 17.75
C ILE A 13 -13.35 -21.47 17.59
N PRO A 14 -13.70 -20.17 17.56
CA PRO A 14 -15.05 -19.71 17.25
C PRO A 14 -15.55 -20.18 15.89
N THR A 15 -14.67 -20.25 14.88
CA THR A 15 -15.02 -20.77 13.56
C THR A 15 -15.31 -22.27 13.62
N PHE A 16 -14.49 -23.04 14.34
CA PHE A 16 -14.70 -24.48 14.49
C PHE A 16 -15.97 -24.80 15.28
N ILE A 17 -16.22 -24.13 16.41
CA ILE A 17 -17.47 -24.31 17.14
C ILE A 17 -18.67 -23.98 16.24
N GLY A 18 -18.57 -22.95 15.40
CA GLY A 18 -19.54 -22.63 14.36
C GLY A 18 -19.85 -23.81 13.44
N ILE A 19 -18.85 -24.46 12.85
CA ILE A 19 -19.10 -25.60 11.95
C ILE A 19 -19.71 -26.78 12.70
N THR A 20 -19.35 -27.02 13.96
CA THR A 20 -20.00 -28.09 14.73
C THR A 20 -21.46 -27.79 15.02
N LEU A 21 -21.83 -26.54 15.32
CA LEU A 21 -23.23 -26.17 15.55
C LEU A 21 -24.04 -26.21 14.26
N LEU A 22 -23.53 -25.69 13.14
CA LEU A 22 -24.27 -25.71 11.88
C LEU A 22 -24.44 -27.13 11.35
N THR A 23 -23.43 -27.97 11.44
CA THR A 23 -23.59 -29.38 11.08
C THR A 23 -24.53 -30.09 12.05
N PHE A 24 -24.59 -29.70 13.33
CA PHE A 24 -25.60 -30.23 14.24
C PHE A 24 -27.01 -29.86 13.81
N ALA A 25 -27.25 -28.61 13.43
CA ALA A 25 -28.53 -28.17 12.89
C ALA A 25 -28.95 -29.02 11.68
N PHE A 26 -28.01 -29.30 10.77
CA PHE A 26 -28.24 -30.14 9.61
C PHE A 26 -28.54 -31.61 9.98
N VAL A 27 -27.81 -32.26 10.91
CA VAL A 27 -28.12 -33.66 11.28
C VAL A 27 -29.37 -33.79 12.14
N HIS A 28 -29.80 -32.74 12.81
CA HIS A 28 -31.03 -32.75 13.60
C HIS A 28 -32.28 -32.54 12.75
N MET A 29 -32.18 -31.75 11.67
CA MET A 29 -33.32 -31.31 10.86
C MET A 29 -33.34 -31.85 9.43
N ILE A 30 -32.25 -32.46 8.96
CA ILE A 30 -32.10 -33.17 7.68
C ILE A 30 -32.55 -32.31 6.50
N MET A 62 -33.02 -30.57 25.86
CA MET A 62 -31.95 -31.48 25.55
C MET A 62 -30.93 -30.90 24.56
N TRP A 63 -30.47 -29.69 24.84
CA TRP A 63 -29.25 -29.08 24.31
C TRP A 63 -28.04 -30.02 24.37
N GLN A 64 -28.00 -30.90 25.38
CA GLN A 64 -26.97 -31.94 25.56
C GLN A 64 -26.92 -32.93 24.40
N GLN A 65 -27.90 -32.96 23.50
CA GLN A 65 -27.82 -33.68 22.24
C GLN A 65 -26.71 -33.15 21.33
N TYR A 66 -26.30 -31.88 21.45
CA TYR A 66 -25.09 -31.38 20.80
C TYR A 66 -23.83 -31.95 21.44
N LEU A 67 -23.77 -32.02 22.78
CA LEU A 67 -22.66 -32.69 23.48
C LEU A 67 -22.57 -34.17 23.09
N HIS A 68 -23.70 -34.85 22.92
CA HIS A 68 -23.77 -36.23 22.45
C HIS A 68 -23.39 -36.37 20.97
N TYR A 69 -23.80 -35.45 20.10
CA TYR A 69 -23.36 -35.42 18.71
C TYR A 69 -21.87 -35.14 18.57
N ILE A 70 -21.31 -34.17 19.30
CA ILE A 70 -19.86 -33.95 19.22
C ILE A 70 -19.08 -35.09 19.88
N TRP A 71 -19.65 -35.78 20.87
CA TRP A 71 -19.08 -37.04 21.34
C TRP A 71 -19.07 -38.09 20.23
N GLY A 72 -20.14 -38.16 19.45
CA GLY A 72 -20.20 -38.99 18.25
C GLY A 72 -19.10 -38.66 17.26
N VAL A 73 -18.94 -37.39 16.89
CA VAL A 73 -17.88 -36.93 15.98
C VAL A 73 -16.49 -37.28 16.51
N MET A 74 -16.20 -36.98 17.77
CA MET A 74 -14.88 -37.21 18.37
C MET A 74 -14.56 -38.70 18.57
N HIS A 75 -15.57 -39.54 18.81
CA HIS A 75 -15.41 -41.00 18.89
C HIS A 75 -15.46 -41.68 17.51
N GLY A 76 -15.56 -40.91 16.42
CA GLY A 76 -15.56 -41.41 15.04
C GLY A 76 -16.90 -41.96 14.53
N ASP A 77 -17.98 -41.81 15.29
CA ASP A 77 -19.33 -42.29 14.98
C ASP A 77 -20.11 -41.37 14.03
N LEU A 78 -19.47 -40.96 12.94
CA LEU A 78 -20.17 -40.40 11.78
C LEU A 78 -21.09 -41.47 11.18
N GLY A 79 -22.13 -41.05 10.46
CA GLY A 79 -23.26 -41.92 10.14
C GLY A 79 -22.96 -43.10 9.22
N ILE A 80 -23.97 -43.88 8.88
CA ILE A 80 -23.89 -44.96 7.90
C ILE A 80 -24.42 -44.47 6.56
N SER A 81 -23.65 -44.60 5.47
CA SER A 81 -24.09 -44.17 4.14
C SER A 81 -25.19 -45.07 3.60
N MET A 82 -26.30 -44.51 3.13
CA MET A 82 -27.57 -45.24 3.04
C MET A 82 -27.54 -46.32 1.96
N LYS A 83 -26.74 -46.14 0.92
CA LYS A 83 -26.62 -47.06 -0.22
C LYS A 83 -25.61 -48.16 0.03
N SER A 84 -24.42 -47.84 0.53
CA SER A 84 -23.40 -48.83 0.87
C SER A 84 -23.72 -49.64 2.12
N ARG A 85 -24.38 -49.01 3.11
CA ARG A 85 -24.53 -49.50 4.49
C ARG A 85 -23.19 -49.68 5.20
N ILE A 86 -22.22 -48.80 4.93
CA ILE A 86 -20.88 -48.75 5.54
C ILE A 86 -20.68 -47.39 6.23
N PRO A 87 -20.02 -47.30 7.40
CA PRO A 87 -19.78 -46.03 8.07
C PRO A 87 -19.05 -45.01 7.20
N VAL A 88 -19.46 -43.76 7.30
CA VAL A 88 -18.91 -42.65 6.52
C VAL A 88 -17.42 -42.49 6.75
N TRP A 89 -16.92 -42.80 7.96
CA TRP A 89 -15.49 -42.78 8.23
C TRP A 89 -14.74 -43.89 7.49
N GLU A 90 -15.25 -45.12 7.46
CA GLU A 90 -14.60 -46.20 6.75
C GLU A 90 -14.52 -45.92 5.26
N GLU A 91 -15.51 -45.24 4.69
CA GLU A 91 -15.49 -44.81 3.29
C GLU A 91 -14.59 -43.59 3.06
N PHE A 92 -14.47 -42.67 4.01
CA PHE A 92 -13.74 -41.43 3.85
C PHE A 92 -12.24 -41.62 3.72
N VAL A 93 -11.64 -42.51 4.51
CA VAL A 93 -10.23 -42.68 4.58
C VAL A 93 -9.61 -43.02 3.25
N PRO A 94 -10.04 -44.10 2.58
CA PRO A 94 -9.48 -44.40 1.28
C PRO A 94 -9.56 -43.29 0.27
N ARG A 95 -10.67 -42.55 0.26
CA ARG A 95 -10.93 -41.48 -0.71
C ARG A 95 -10.19 -40.20 -0.37
N PHE A 96 -9.90 -39.97 0.89
CA PHE A 96 -9.05 -38.90 1.31
C PHE A 96 -7.65 -39.06 0.76
N GLN A 97 -7.10 -40.23 0.85
CA GLN A 97 -5.83 -40.60 0.31
C GLN A 97 -5.77 -40.35 -1.17
N ALA A 98 -6.69 -40.86 -1.91
CA ALA A 98 -6.81 -40.77 -3.32
C ALA A 98 -6.96 -39.34 -3.80
N THR A 99 -7.56 -38.47 -2.99
CA THR A 99 -7.68 -37.04 -3.26
C THR A 99 -6.37 -36.32 -2.94
N LEU A 100 -5.63 -36.75 -1.91
CA LEU A 100 -4.40 -36.10 -1.49
C LEU A 100 -3.27 -36.30 -2.51
N GLU A 101 -3.17 -37.45 -3.18
CA GLU A 101 -2.21 -37.66 -4.26
C GLU A 101 -2.40 -36.65 -5.39
N LEU A 102 -3.64 -36.54 -5.86
CA LEU A 102 -4.02 -35.64 -6.93
C LEU A 102 -3.83 -34.17 -6.52
N GLY A 103 -4.09 -33.84 -5.27
CA GLY A 103 -3.86 -32.50 -4.74
C GLY A 103 -2.39 -32.12 -4.69
N VAL A 104 -1.50 -32.97 -4.14
CA VAL A 104 -0.08 -32.66 -4.13
C VAL A 104 0.50 -32.60 -5.52
N CYS A 105 0.07 -33.45 -6.45
CA CYS A 105 0.54 -33.33 -7.84
C CYS A 105 0.08 -32.04 -8.52
N ALA A 106 -1.17 -31.62 -8.35
CA ALA A 106 -1.65 -30.35 -8.87
C ALA A 106 -0.86 -29.16 -8.31
N MET A 107 -0.54 -29.16 -7.02
CA MET A 107 0.23 -28.08 -6.40
C MET A 107 1.73 -28.12 -6.70
N ILE A 108 2.35 -29.29 -6.81
CA ILE A 108 3.75 -29.43 -7.21
C ILE A 108 3.93 -28.92 -8.63
N PHE A 109 3.04 -29.30 -9.55
CA PHE A 109 2.99 -28.73 -10.90
C PHE A 109 2.79 -27.22 -10.86
N ALA A 110 1.76 -26.72 -10.19
CA ALA A 110 1.42 -25.31 -10.22
C ALA A 110 2.48 -24.39 -9.59
N THR A 111 3.14 -24.82 -8.50
CA THR A 111 4.21 -24.06 -7.86
C THR A 111 5.54 -24.16 -8.61
N ALA A 112 5.95 -25.35 -9.06
CA ALA A 112 7.19 -25.53 -9.79
C ALA A 112 7.19 -24.86 -11.18
N VAL A 113 6.08 -24.87 -11.90
CA VAL A 113 5.95 -24.13 -13.17
C VAL A 113 5.63 -22.66 -12.92
N GLY A 114 4.77 -22.34 -11.96
CA GLY A 114 4.20 -21.00 -11.83
C GLY A 114 5.15 -19.93 -11.32
N ILE A 115 5.92 -20.21 -10.26
CA ILE A 115 6.80 -19.20 -9.66
C ILE A 115 7.88 -18.76 -10.64
N PRO A 116 8.65 -19.65 -11.32
CA PRO A 116 9.60 -19.24 -12.35
C PRO A 116 9.01 -18.39 -13.45
N VAL A 117 7.83 -18.74 -13.97
CA VAL A 117 7.16 -17.98 -15.02
C VAL A 117 6.76 -16.59 -14.53
N GLY A 118 6.27 -16.48 -13.30
CA GLY A 118 5.90 -15.21 -12.70
C GLY A 118 7.09 -14.29 -12.44
N VAL A 119 8.18 -14.83 -11.89
CA VAL A 119 9.43 -14.09 -11.68
C VAL A 119 9.96 -13.60 -13.01
N LEU A 120 10.09 -14.50 -13.99
CA LEU A 120 10.63 -14.20 -15.27
C LEU A 120 9.84 -13.14 -15.99
N ALA A 121 8.51 -13.23 -15.96
CA ALA A 121 7.64 -12.26 -16.59
C ALA A 121 7.81 -10.85 -16.00
N ALA A 122 7.90 -10.72 -14.68
CA ALA A 122 8.12 -9.42 -14.03
C ALA A 122 9.52 -8.86 -14.28
N VAL A 123 10.55 -9.71 -14.33
CA VAL A 123 11.92 -9.34 -14.69
C VAL A 123 12.06 -8.85 -16.13
N LYS A 124 11.24 -9.37 -17.05
CA LYS A 124 11.17 -9.08 -18.44
C LYS A 124 9.95 -8.30 -18.85
N ARG A 125 9.46 -7.39 -17.99
CA ARG A 125 8.19 -6.64 -18.21
C ARG A 125 8.12 -6.04 -19.60
N GLY A 126 6.99 -6.22 -20.27
CA GLY A 126 6.73 -5.73 -21.63
C GLY A 126 7.30 -6.57 -22.77
N SER A 127 8.08 -7.63 -22.49
CA SER A 127 8.58 -8.52 -23.47
C SER A 127 7.48 -9.38 -24.04
N ILE A 128 7.76 -10.05 -25.15
CA ILE A 128 6.80 -11.00 -25.71
C ILE A 128 6.49 -12.08 -24.69
N PHE A 129 7.44 -12.50 -23.89
CA PHE A 129 7.27 -13.43 -22.83
C PHE A 129 6.27 -12.94 -21.83
N ASP A 130 6.39 -11.70 -21.37
CA ASP A 130 5.49 -11.12 -20.39
C ASP A 130 4.04 -11.10 -20.90
N HIS A 131 3.83 -10.73 -22.16
CA HIS A 131 2.49 -10.72 -22.71
C HIS A 131 1.94 -12.14 -22.83
N THR A 132 2.77 -13.08 -23.27
CA THR A 132 2.33 -14.46 -23.39
C THR A 132 1.94 -15.02 -22.03
N ALA A 133 2.73 -14.79 -20.99
CA ALA A 133 2.45 -15.28 -19.64
C ALA A 133 1.18 -14.68 -19.06
N VAL A 134 0.97 -13.36 -19.17
CA VAL A 134 -0.27 -12.72 -18.77
C VAL A 134 -1.47 -13.24 -19.57
N GLY A 135 -1.34 -13.42 -20.88
CA GLY A 135 -2.47 -13.91 -21.67
C GLY A 135 -2.86 -15.32 -21.29
N LEU A 136 -1.90 -16.23 -21.14
CA LEU A 136 -2.16 -17.61 -20.77
C LEU A 136 -2.69 -17.72 -19.34
N ALA A 137 -2.21 -16.91 -18.40
CA ALA A 137 -2.76 -16.90 -17.05
C ALA A 137 -4.22 -16.41 -17.02
N LEU A 138 -4.60 -15.37 -17.78
CA LEU A 138 -6.01 -15.02 -17.96
C LEU A 138 -6.81 -16.19 -18.55
N THR A 139 -6.26 -16.85 -19.55
CA THR A 139 -6.92 -17.98 -20.22
C THR A 139 -7.13 -19.15 -19.26
N GLY A 140 -6.18 -19.48 -18.40
CA GLY A 140 -6.33 -20.55 -17.41
C GLY A 140 -7.26 -20.18 -16.27
N TYR A 141 -7.19 -18.95 -15.76
CA TYR A 141 -8.06 -18.48 -14.68
C TYR A 141 -9.53 -18.33 -15.10
N SER A 142 -9.80 -18.17 -16.39
CA SER A 142 -11.14 -18.05 -16.96
C SER A 142 -11.75 -19.37 -17.42
N MET A 143 -11.09 -20.50 -17.21
CA MET A 143 -11.45 -21.73 -17.93
C MET A 143 -12.43 -22.63 -17.16
N PRO A 144 -13.48 -23.18 -17.80
CA PRO A 144 -14.29 -24.25 -17.23
C PRO A 144 -13.49 -25.53 -17.08
N ILE A 145 -13.14 -25.90 -15.83
CA ILE A 145 -12.21 -27.01 -15.54
C ILE A 145 -12.70 -28.39 -16.03
N PHE A 146 -14.01 -28.63 -15.96
CA PHE A 146 -14.59 -29.89 -16.44
C PHE A 146 -14.46 -30.02 -17.96
N TRP A 147 -14.69 -28.94 -18.70
CA TRP A 147 -14.52 -28.91 -20.14
C TRP A 147 -13.07 -29.04 -20.56
N TRP A 148 -12.15 -28.36 -19.89
CA TRP A 148 -10.71 -28.47 -20.15
C TRP A 148 -10.25 -29.92 -20.04
N GLY A 149 -10.74 -30.65 -19.03
CA GLY A 149 -10.48 -32.07 -18.93
C GLY A 149 -11.05 -32.86 -20.09
N MET A 150 -12.28 -32.60 -20.53
CA MET A 150 -12.85 -33.31 -21.68
C MET A 150 -12.06 -33.04 -22.95
N MET A 151 -11.59 -31.82 -23.18
CA MET A 151 -10.74 -31.51 -24.32
C MET A 151 -9.41 -32.26 -24.28
N LEU A 152 -8.74 -32.35 -23.14
CA LEU A 152 -7.52 -33.14 -23.04
C LEU A 152 -7.79 -34.65 -23.13
N ILE A 153 -8.85 -35.19 -22.55
CA ILE A 153 -9.24 -36.59 -22.74
C ILE A 153 -9.42 -36.87 -24.24
N MET A 154 -10.17 -36.03 -24.93
CA MET A 154 -10.47 -36.15 -26.36
C MET A 154 -9.21 -36.04 -27.22
N LEU A 155 -8.37 -35.03 -27.00
CA LEU A 155 -7.13 -34.86 -27.75
C LEU A 155 -6.08 -35.93 -27.42
N VAL A 156 -5.64 -36.06 -26.17
CA VAL A 156 -4.44 -36.84 -25.79
C VAL A 156 -4.72 -38.18 -25.12
N SER A 157 -5.95 -38.69 -25.23
CA SER A 157 -6.24 -40.10 -24.97
C SER A 157 -7.07 -40.77 -26.07
N VAL A 158 -7.92 -40.03 -26.79
CA VAL A 158 -8.68 -40.58 -27.92
C VAL A 158 -7.96 -40.39 -29.24
N HIS A 159 -7.69 -39.14 -29.68
CA HIS A 159 -7.17 -38.88 -31.04
C HIS A 159 -5.65 -39.02 -31.18
N TRP A 160 -4.87 -38.54 -30.22
CA TRP A 160 -3.47 -38.94 -30.05
C TRP A 160 -3.45 -39.94 -28.89
N ASN A 161 -3.03 -41.17 -29.13
CA ASN A 161 -3.22 -42.26 -28.19
C ASN A 161 -2.10 -42.33 -27.13
N LEU A 162 -1.93 -41.24 -26.37
CA LEU A 162 -0.75 -40.99 -25.53
C LEU A 162 -0.94 -41.30 -24.04
N THR A 163 -2.17 -41.23 -23.52
CA THR A 163 -2.47 -41.36 -22.07
C THR A 163 -3.74 -42.19 -21.85
N PRO A 164 -3.89 -42.84 -20.69
CA PRO A 164 -5.06 -43.66 -20.39
C PRO A 164 -6.28 -42.79 -20.00
N VAL A 165 -7.47 -43.27 -20.36
CA VAL A 165 -8.70 -42.46 -20.38
C VAL A 165 -9.33 -42.19 -19.00
N SER A 166 -9.11 -43.06 -18.00
CA SER A 166 -9.72 -43.01 -16.74
C SER A 166 -9.09 -43.88 -15.69
N GLY A 167 -9.41 -43.71 -14.45
CA GLY A 167 -8.99 -44.44 -13.35
C GLY A 167 -7.76 -44.03 -12.67
N ARG A 168 -7.55 -44.47 -11.42
CA ARG A 168 -6.31 -44.19 -10.65
C ARG A 168 -5.17 -45.14 -11.01
N VAL A 169 -5.48 -46.39 -11.33
CA VAL A 169 -4.54 -47.33 -11.96
C VAL A 169 -5.30 -48.35 -12.81
N SER A 170 -4.65 -48.94 -13.82
CA SER A 170 -5.26 -49.96 -14.69
C SER A 170 -5.58 -51.25 -13.94
N ASP A 171 -6.41 -52.09 -14.52
CA ASP A 171 -6.76 -53.39 -14.08
C ASP A 171 -5.62 -54.36 -14.11
N MET A 172 -4.47 -54.03 -14.70
CA MET A 172 -3.29 -54.91 -14.70
C MET A 172 -2.59 -54.92 -13.34
N VAL A 173 -2.71 -53.84 -12.57
CA VAL A 173 -2.10 -53.69 -11.25
C VAL A 173 -2.94 -54.37 -10.18
N PHE A 174 -2.37 -55.38 -9.52
CA PHE A 174 -2.98 -56.08 -8.40
C PHE A 174 -1.92 -56.28 -7.30
N LEU A 175 -1.89 -55.36 -6.35
CA LEU A 175 -0.93 -55.35 -5.25
C LEU A 175 -1.30 -56.41 -4.21
N ASP A 176 -0.32 -57.22 -3.77
CA ASP A 176 -0.52 -58.22 -2.72
C ASP A 176 -0.79 -57.56 -1.36
N ASP A 177 -1.99 -57.73 -0.83
CA ASP A 177 -2.50 -57.20 0.38
C ASP A 177 -1.66 -57.53 1.58
N SER A 178 -0.94 -58.62 1.58
CA SER A 178 -0.08 -59.07 2.60
C SER A 178 1.02 -58.09 2.92
N ASN A 179 1.41 -57.25 1.95
CA ASN A 179 2.40 -56.19 2.15
C ASN A 179 1.76 -54.98 2.85
N PRO A 180 2.50 -54.20 3.66
CA PRO A 180 1.94 -53.12 4.48
C PRO A 180 1.58 -51.85 3.68
N LEU A 181 0.68 -51.96 2.71
CA LEU A 181 0.32 -50.93 1.75
C LEU A 181 -0.06 -49.61 2.45
N THR A 182 0.40 -48.49 1.89
CA THR A 182 0.13 -47.15 2.39
C THR A 182 -1.23 -46.62 1.96
N GLY A 183 -1.81 -47.12 0.87
CA GLY A 183 -2.92 -46.58 0.23
C GLY A 183 -2.73 -45.52 -0.77
N PHE A 184 -1.58 -44.94 -0.85
CA PHE A 184 -1.10 -44.04 -1.83
C PHE A 184 -0.61 -44.81 -3.02
N MET A 185 -1.24 -44.70 -4.19
CA MET A 185 -0.94 -45.60 -5.31
C MET A 185 0.45 -45.36 -5.90
N LEU A 186 0.95 -44.13 -5.94
CA LEU A 186 2.31 -43.87 -6.40
C LEU A 186 3.33 -44.59 -5.51
N ILE A 187 3.19 -44.48 -4.19
CA ILE A 187 4.11 -45.09 -3.23
C ILE A 187 3.99 -46.61 -3.27
N ASP A 188 2.78 -47.14 -3.18
CA ASP A 188 2.59 -48.58 -3.15
C ASP A 188 3.08 -49.27 -4.42
N THR A 189 2.86 -48.68 -5.60
CA THR A 189 3.33 -49.27 -6.85
C THR A 189 4.82 -49.09 -7.08
N ALA A 190 5.45 -48.04 -6.52
CA ALA A 190 6.91 -47.92 -6.55
C ALA A 190 7.60 -49.01 -5.72
N ILE A 191 7.07 -49.32 -4.52
CA ILE A 191 7.72 -50.24 -3.57
C ILE A 191 7.36 -51.71 -3.81
N TRP A 192 6.10 -52.05 -4.09
CA TRP A 192 5.64 -53.44 -4.20
C TRP A 192 5.09 -53.83 -5.58
N GLY A 193 5.11 -52.94 -6.57
CA GLY A 193 4.60 -53.24 -7.91
C GLY A 193 5.52 -54.14 -8.75
N GLU A 194 4.93 -54.94 -9.64
CA GLU A 194 5.65 -55.62 -10.71
C GLU A 194 6.16 -54.64 -11.78
N ASP A 195 6.96 -55.12 -12.74
CA ASP A 195 7.55 -54.28 -13.80
C ASP A 195 6.48 -53.51 -14.59
N GLY A 196 6.64 -52.18 -14.66
CA GLY A 196 5.73 -51.27 -15.36
C GLY A 196 4.57 -50.71 -14.52
N ASN A 197 4.29 -51.24 -13.33
CA ASN A 197 3.13 -50.80 -12.53
C ASN A 197 3.25 -49.37 -12.02
N PHE A 198 4.44 -48.89 -11.67
CA PHE A 198 4.63 -47.47 -11.35
C PHE A 198 4.44 -46.57 -12.56
N ILE A 199 4.85 -47.01 -13.75
CA ILE A 199 4.66 -46.26 -14.99
C ILE A 199 3.17 -46.12 -15.29
N ASP A 200 2.36 -47.16 -15.06
CA ASP A 200 0.90 -47.03 -15.10
C ASP A 200 0.41 -46.01 -14.07
N ALA A 201 0.83 -46.11 -12.81
CA ALA A 201 0.37 -45.21 -11.76
C ALA A 201 0.66 -43.73 -12.05
N VAL A 202 1.79 -43.38 -12.68
CA VAL A 202 2.07 -42.01 -13.10
C VAL A 202 1.34 -41.63 -14.38
N ALA A 203 1.25 -42.53 -15.38
CA ALA A 203 0.59 -42.23 -16.64
C ALA A 203 -0.89 -41.91 -16.47
N HIS A 204 -1.56 -42.54 -15.52
CA HIS A 204 -2.94 -42.22 -15.18
C HIS A 204 -3.09 -40.90 -14.42
N MET A 205 -2.04 -40.37 -13.81
CA MET A 205 -2.14 -39.21 -12.92
C MET A 205 -1.82 -37.88 -13.59
N ILE A 206 -1.09 -37.87 -14.72
CA ILE A 206 -0.68 -36.61 -15.35
C ILE A 206 -1.84 -35.77 -15.88
N LEU A 207 -2.85 -36.35 -16.54
CA LEU A 207 -4.00 -35.56 -16.97
C LEU A 207 -4.79 -35.01 -15.79
N PRO A 208 -5.20 -35.80 -14.78
CA PRO A 208 -5.83 -35.27 -13.58
C PRO A 208 -5.04 -34.10 -12.96
N ALA A 209 -3.73 -34.21 -12.83
CA ALA A 209 -2.90 -33.18 -12.23
C ALA A 209 -2.82 -31.90 -13.08
N ILE A 210 -2.66 -32.02 -14.40
CA ILE A 210 -2.58 -30.87 -15.30
C ILE A 210 -3.91 -30.12 -15.32
N VAL A 211 -5.02 -30.84 -15.43
CA VAL A 211 -6.37 -30.23 -15.45
C VAL A 211 -6.64 -29.55 -14.12
N LEU A 212 -6.53 -30.26 -12.99
CA LEU A 212 -6.78 -29.69 -11.66
C LEU A 212 -5.83 -28.53 -11.34
N GLY A 213 -4.56 -28.65 -11.71
CA GLY A 213 -3.53 -27.66 -11.43
C GLY A 213 -3.59 -26.40 -12.28
N THR A 214 -4.42 -26.33 -13.31
CA THR A 214 -4.49 -25.17 -14.21
C THR A 214 -4.94 -23.88 -13.53
N ILE A 215 -6.01 -23.89 -12.72
CA ILE A 215 -6.41 -22.68 -11.97
C ILE A 215 -5.36 -22.28 -10.93
N PRO A 216 -4.83 -23.18 -10.08
CA PRO A 216 -3.69 -22.89 -9.22
C PRO A 216 -2.50 -22.27 -9.94
N LEU A 217 -2.10 -22.80 -11.10
CA LEU A 217 -0.99 -22.27 -11.88
C LEU A 217 -1.28 -20.84 -12.37
N ALA A 218 -2.50 -20.59 -12.85
CA ALA A 218 -2.92 -19.28 -13.32
C ALA A 218 -2.94 -18.24 -12.20
N VAL A 219 -3.44 -18.58 -11.02
CA VAL A 219 -3.39 -17.70 -9.85
C VAL A 219 -1.95 -17.44 -9.41
N ILE A 220 -1.10 -18.45 -9.38
CA ILE A 220 0.29 -18.30 -8.94
C ILE A 220 1.10 -17.43 -9.92
N VAL A 221 0.94 -17.57 -11.24
CA VAL A 221 1.64 -16.72 -12.22
C VAL A 221 1.21 -15.26 -12.06
N ARG A 222 -0.09 -15.00 -11.91
CA ARG A 222 -0.62 -13.64 -11.71
C ARG A 222 -0.14 -13.00 -10.43
N MET A 223 -0.30 -13.67 -9.30
CA MET A 223 0.07 -13.10 -7.99
C MET A 223 1.58 -12.96 -7.85
N THR A 224 2.37 -13.84 -8.46
CA THR A 224 3.84 -13.69 -8.47
C THR A 224 4.26 -12.46 -9.26
N ARG A 225 3.67 -12.19 -10.43
CA ARG A 225 3.96 -10.96 -11.18
C ARG A 225 3.63 -9.71 -10.38
N SER A 226 2.39 -9.56 -9.91
CA SER A 226 1.99 -8.32 -9.23
C SER A 226 2.83 -8.07 -7.98
N SER A 227 3.07 -9.12 -7.20
CA SER A 227 3.93 -9.06 -6.01
C SER A 227 5.37 -8.74 -6.34
N MET A 228 5.90 -9.26 -7.44
CA MET A 228 7.26 -8.96 -7.87
C MET A 228 7.40 -7.54 -8.39
N LEU A 229 6.43 -7.04 -9.16
CA LEU A 229 6.47 -5.69 -9.72
C LEU A 229 6.31 -4.61 -8.66
N GLU A 230 5.52 -4.80 -7.61
CA GLU A 230 5.48 -3.82 -6.51
C GLU A 230 6.80 -3.83 -5.73
N VAL A 231 7.40 -4.99 -5.48
CA VAL A 231 8.71 -5.12 -4.82
C VAL A 231 9.83 -4.48 -5.64
N LEU A 232 9.89 -4.69 -6.95
CA LEU A 232 10.86 -4.04 -7.84
C LEU A 232 10.71 -2.51 -7.92
N GLY A 233 9.67 -1.94 -7.35
CA GLY A 233 9.52 -0.49 -7.17
C GLY A 233 10.00 0.05 -5.80
N GLU A 234 10.27 -0.82 -4.82
CA GLU A 234 10.60 -0.40 -3.46
C GLU A 234 12.01 0.16 -3.30
N ASP A 235 12.20 1.02 -2.30
CA ASP A 235 13.47 1.70 -2.05
C ASP A 235 14.59 0.73 -1.64
N TYR A 236 14.30 -0.40 -1.00
CA TYR A 236 15.34 -1.35 -0.64
C TYR A 236 15.98 -2.04 -1.86
N ILE A 237 15.30 -2.09 -3.01
CA ILE A 237 15.91 -2.56 -4.25
C ILE A 237 16.75 -1.47 -4.92
N ARG A 238 16.41 -0.19 -4.75
CA ARG A 238 17.33 0.90 -5.10
C ARG A 238 18.61 0.81 -4.27
N THR A 239 18.50 0.50 -2.98
CA THR A 239 19.67 0.22 -2.13
C THR A 239 20.45 -1.01 -2.61
N ALA A 240 19.79 -2.09 -2.99
CA ALA A 240 20.45 -3.29 -3.50
C ALA A 240 21.26 -3.03 -4.77
N ARG A 241 20.73 -2.24 -5.71
CA ARG A 241 21.48 -1.80 -6.90
C ARG A 241 22.58 -0.80 -6.57
N ALA A 242 22.35 0.13 -5.65
CA ALA A 242 23.36 1.07 -5.17
C ALA A 242 24.54 0.41 -4.44
N LYS A 243 24.36 -0.78 -3.85
CA LYS A 243 25.45 -1.57 -3.26
C LYS A 243 26.33 -2.27 -4.29
N GLY A 244 25.94 -2.30 -5.56
CA GLY A 244 26.72 -2.95 -6.61
C GLY A 244 26.50 -4.44 -6.74
N LEU A 245 25.32 -4.95 -6.37
CA LEU A 245 24.98 -6.37 -6.52
C LEU A 245 24.68 -6.74 -7.97
N THR A 246 24.88 -8.00 -8.32
CA THR A 246 24.47 -8.55 -9.62
C THR A 246 22.96 -8.58 -9.73
N ARG A 247 22.40 -8.50 -10.94
CA ARG A 247 20.93 -8.52 -11.12
C ARG A 247 20.31 -9.82 -10.60
N MET A 248 21.05 -10.92 -10.64
CA MET A 248 20.65 -12.18 -10.12
C MET A 248 20.39 -12.12 -8.65
N ARG A 249 21.33 -11.57 -7.86
CA ARG A 249 21.16 -11.40 -6.41
C ARG A 249 20.03 -10.46 -6.10
N VAL A 250 19.84 -9.40 -6.89
CA VAL A 250 18.73 -8.49 -6.68
C VAL A 250 17.41 -9.21 -6.85
N ILE A 251 17.24 -10.06 -7.86
CA ILE A 251 15.98 -10.78 -8.08
C ILE A 251 15.79 -11.94 -7.09
N ILE A 252 16.75 -12.84 -6.98
CA ILE A 252 16.68 -14.05 -6.25
C ILE A 252 16.70 -13.81 -4.76
N VAL A 253 17.66 -13.02 -4.27
CA VAL A 253 17.87 -12.81 -2.83
C VAL A 253 17.02 -11.66 -2.29
N HIS A 254 17.07 -10.47 -2.90
CA HIS A 254 16.37 -9.31 -2.37
C HIS A 254 14.89 -9.24 -2.76
N ALA A 255 14.55 -9.38 -4.03
CA ALA A 255 13.17 -9.25 -4.50
C ALA A 255 12.31 -10.46 -4.14
N LEU A 256 12.72 -11.67 -4.53
CA LEU A 256 11.88 -12.85 -4.45
C LEU A 256 11.49 -13.20 -3.02
N ARG A 257 12.32 -12.94 -2.00
CA ARG A 257 11.87 -13.18 -0.63
C ARG A 257 10.72 -12.25 -0.23
N ASN A 258 10.83 -10.97 -0.52
CA ASN A 258 9.73 -10.05 -0.26
C ASN A 258 8.50 -10.36 -1.11
N ALA A 259 8.68 -10.79 -2.35
CA ALA A 259 7.59 -11.14 -3.23
C ALA A 259 6.91 -12.46 -2.85
N MET A 260 7.59 -13.40 -2.19
CA MET A 260 6.99 -14.68 -1.83
C MET A 260 6.04 -14.60 -0.63
N LEU A 261 6.06 -13.54 0.18
CA LEU A 261 5.12 -13.38 1.29
C LEU A 261 3.66 -13.42 0.81
N PRO A 262 3.20 -12.64 -0.17
CA PRO A 262 1.84 -12.79 -0.72
C PRO A 262 1.63 -14.09 -1.49
N VAL A 263 2.65 -14.67 -2.12
CA VAL A 263 2.53 -15.96 -2.82
C VAL A 263 2.19 -17.08 -1.82
N VAL A 264 2.82 -17.12 -0.65
CA VAL A 264 2.54 -18.02 0.41
C VAL A 264 1.09 -17.91 0.82
N THR A 265 0.58 -16.72 0.89
CA THR A 265 -0.75 -16.40 1.24
C THR A 265 -1.75 -17.02 0.29
N VAL A 266 -1.63 -16.73 -1.01
CA VAL A 266 -2.59 -17.22 -2.02
C VAL A 266 -2.48 -18.71 -2.24
N ILE A 267 -1.30 -19.31 -2.09
CA ILE A 267 -1.17 -20.78 -2.11
C ILE A 267 -2.06 -21.41 -1.05
N GLY A 268 -2.19 -20.80 0.13
CA GLY A 268 -3.15 -21.22 1.15
C GLY A 268 -4.61 -21.16 0.69
N LEU A 269 -5.02 -20.07 0.04
CA LEU A 269 -6.37 -19.93 -0.51
C LEU A 269 -6.63 -20.96 -1.62
N GLN A 270 -5.64 -21.28 -2.45
CA GLN A 270 -5.75 -22.32 -3.45
C GLN A 270 -5.85 -23.70 -2.81
N VAL A 271 -5.01 -24.10 -1.85
CA VAL A 271 -5.14 -25.43 -1.24
C VAL A 271 -6.41 -25.61 -0.41
N GLY A 272 -7.07 -24.52 -0.01
CA GLY A 272 -8.45 -24.59 0.47
C GLY A 272 -9.46 -24.80 -0.65
N THR A 273 -9.50 -23.89 -1.63
CA THR A 273 -10.49 -23.92 -2.72
C THR A 273 -10.32 -25.06 -3.74
N LEU A 274 -9.20 -25.81 -3.70
CA LEU A 274 -8.87 -26.89 -4.63
C LEU A 274 -9.93 -28.00 -4.72
N LEU A 275 -10.67 -28.27 -3.65
CA LEU A 275 -11.72 -29.31 -3.66
C LEU A 275 -12.91 -28.98 -4.56
N ALA A 276 -13.14 -27.70 -4.91
CA ALA A 276 -14.09 -27.37 -5.96
C ALA A 276 -13.65 -27.92 -7.33
N GLY A 277 -12.35 -27.80 -7.64
CA GLY A 277 -11.74 -28.43 -8.82
C GLY A 277 -11.75 -29.95 -8.75
N ALA A 278 -11.65 -30.53 -7.55
CA ALA A 278 -11.72 -31.97 -7.36
C ALA A 278 -13.10 -32.55 -7.73
N ILE A 279 -14.20 -31.96 -7.29
CA ILE A 279 -15.55 -32.42 -7.64
C ILE A 279 -15.74 -32.50 -9.16
N LEU A 280 -15.28 -31.48 -9.88
CA LEU A 280 -15.36 -31.39 -11.33
C LEU A 280 -14.41 -32.35 -12.06
N THR A 281 -13.12 -32.36 -11.73
CA THR A 281 -12.15 -33.25 -12.38
C THR A 281 -12.36 -34.72 -12.06
N GLU A 282 -12.62 -35.10 -10.81
CA GLU A 282 -12.79 -36.50 -10.46
C GLU A 282 -13.97 -37.15 -11.17
N THR A 283 -15.02 -36.38 -11.48
CA THR A 283 -16.22 -36.89 -12.15
C THR A 283 -15.92 -37.36 -13.57
N ILE A 284 -15.27 -36.52 -14.40
CA ILE A 284 -14.94 -36.87 -15.79
C ILE A 284 -13.86 -37.94 -15.87
N PHE A 285 -12.89 -37.91 -14.95
CA PHE A 285 -11.82 -38.89 -14.88
C PHE A 285 -12.19 -40.15 -14.09
N SER A 286 -13.43 -40.33 -13.61
CA SER A 286 -13.87 -41.46 -12.78
C SER A 286 -12.85 -41.87 -11.72
N TRP A 287 -12.27 -40.87 -11.06
CA TRP A 287 -11.28 -41.03 -10.01
C TRP A 287 -11.96 -41.45 -8.71
N PRO A 288 -11.43 -42.39 -7.91
CA PRO A 288 -11.88 -42.60 -6.55
C PRO A 288 -11.46 -41.38 -5.71
N GLY A 289 -12.40 -40.63 -5.17
CA GLY A 289 -12.07 -39.36 -4.52
C GLY A 289 -13.23 -38.73 -3.78
N LEU A 290 -12.95 -37.75 -2.92
CA LEU A 290 -13.97 -37.13 -2.09
C LEU A 290 -14.96 -36.31 -2.91
N GLY A 291 -14.51 -35.70 -4.00
CA GLY A 291 -15.37 -34.97 -4.90
C GLY A 291 -16.45 -35.85 -5.51
N ARG A 292 -16.07 -37.03 -6.00
CA ARG A 292 -17.02 -37.96 -6.64
C ARG A 292 -17.98 -38.57 -5.62
N TRP A 293 -17.50 -38.90 -4.43
CA TRP A 293 -18.30 -39.42 -3.32
C TRP A 293 -19.30 -38.40 -2.79
N LEU A 294 -18.91 -37.14 -2.63
CA LEU A 294 -19.83 -36.07 -2.25
C LEU A 294 -20.87 -35.77 -3.33
N ILE A 295 -20.50 -35.59 -4.61
CA ILE A 295 -21.50 -35.26 -5.64
C ILE A 295 -22.43 -36.43 -5.94
N ASP A 296 -21.96 -37.66 -5.89
CA ASP A 296 -22.83 -38.83 -5.96
C ASP A 296 -23.83 -38.87 -4.78
N ALA A 297 -23.37 -38.59 -3.56
CA ALA A 297 -24.26 -38.50 -2.41
C ALA A 297 -25.31 -37.39 -2.55
N LEU A 298 -24.94 -36.21 -3.05
CA LEU A 298 -25.88 -35.13 -3.33
C LEU A 298 -26.91 -35.55 -4.38
N GLN A 299 -26.48 -36.12 -5.52
CA GLN A 299 -27.38 -36.56 -6.59
C GLN A 299 -28.33 -37.69 -6.14
N ARG A 300 -27.89 -38.61 -5.27
CA ARG A 300 -28.71 -39.69 -4.71
C ARG A 300 -29.43 -39.33 -3.40
N ARG A 301 -29.35 -38.09 -2.94
CA ARG A 301 -29.81 -37.60 -1.63
C ARG A 301 -29.45 -38.53 -0.46
N ASP A 302 -28.21 -39.00 -0.45
CA ASP A 302 -27.62 -39.79 0.63
C ASP A 302 -27.10 -38.85 1.72
N TYR A 303 -28.02 -38.17 2.41
CA TYR A 303 -27.69 -37.10 3.34
C TYR A 303 -26.58 -37.41 4.34
N PRO A 304 -26.47 -38.61 4.95
CA PRO A 304 -25.41 -38.92 5.88
C PRO A 304 -23.98 -38.70 5.37
N VAL A 305 -23.69 -39.02 4.09
CA VAL A 305 -22.39 -38.75 3.50
C VAL A 305 -22.13 -37.26 3.38
N VAL A 306 -23.08 -36.45 2.92
CA VAL A 306 -22.86 -35.01 2.80
C VAL A 306 -22.89 -34.32 4.16
N GLN A 307 -23.73 -34.75 5.09
CA GLN A 307 -23.78 -34.25 6.47
C GLN A 307 -22.48 -34.50 7.19
N GLY A 308 -21.88 -35.69 7.12
CA GLY A 308 -20.59 -35.98 7.73
C GLY A 308 -19.39 -35.46 6.93
N GLY A 309 -19.45 -35.55 5.61
CA GLY A 309 -18.39 -35.10 4.72
C GLY A 309 -18.21 -33.58 4.69
N VAL A 310 -19.27 -32.79 4.89
CA VAL A 310 -19.12 -31.33 5.08
C VAL A 310 -18.32 -31.01 6.32
N LEU A 311 -18.51 -31.74 7.42
CA LEU A 311 -17.70 -31.55 8.63
C LEU A 311 -16.24 -31.93 8.40
N LEU A 312 -15.99 -33.09 7.78
CA LEU A 312 -14.63 -33.54 7.48
C LEU A 312 -13.93 -32.64 6.46
N VAL A 313 -14.59 -32.12 5.44
CA VAL A 313 -13.98 -31.11 4.56
C VAL A 313 -13.72 -29.82 5.32
N ALA A 314 -14.71 -29.26 6.00
CA ALA A 314 -14.57 -27.97 6.65
C ALA A 314 -13.50 -27.97 7.76
N THR A 315 -13.40 -29.05 8.55
CA THR A 315 -12.32 -29.14 9.54
C THR A 315 -10.94 -29.20 8.88
N MET A 316 -10.80 -29.85 7.73
CA MET A 316 -9.49 -29.92 7.09
C MET A 316 -9.12 -28.60 6.43
N ILE A 317 -10.08 -27.82 5.95
CA ILE A 317 -9.84 -26.46 5.46
C ILE A 317 -9.29 -25.58 6.59
N ILE A 318 -9.86 -25.71 7.79
CA ILE A 318 -9.42 -24.95 8.97
C ILE A 318 -7.98 -25.34 9.34
N LEU A 319 -7.62 -26.62 9.30
CA LEU A 319 -6.27 -27.05 9.63
C LEU A 319 -5.27 -26.55 8.59
N VAL A 320 -5.59 -26.64 7.31
CA VAL A 320 -4.71 -26.12 6.25
C VAL A 320 -4.51 -24.62 6.40
N ASN A 321 -5.57 -23.85 6.65
CA ASN A 321 -5.43 -22.41 6.90
C ASN A 321 -4.56 -22.14 8.14
N LEU A 322 -4.74 -22.88 9.22
CA LEU A 322 -3.95 -22.74 10.43
C LEU A 322 -2.47 -23.06 10.19
N LEU A 323 -2.14 -24.07 9.38
CA LEU A 323 -0.73 -24.36 9.08
C LEU A 323 -0.13 -23.26 8.21
N VAL A 324 -0.82 -22.79 7.21
CA VAL A 324 -0.35 -21.76 6.34
C VAL A 324 -0.06 -20.48 7.11
N ASP A 325 -0.95 -20.11 8.02
CA ASP A 325 -0.74 -18.93 8.87
C ASP A 325 0.50 -19.08 9.76
N LEU A 326 0.75 -20.28 10.29
CA LEU A 326 1.99 -20.60 11.00
C LEU A 326 3.21 -20.47 10.07
N LEU A 327 3.13 -20.94 8.82
CA LEU A 327 4.17 -20.77 7.85
C LEU A 327 4.44 -19.32 7.57
N TYR A 328 3.40 -18.51 7.38
CA TYR A 328 3.53 -17.06 7.18
C TYR A 328 4.22 -16.38 8.36
N GLY A 329 3.93 -16.83 9.58
CA GLY A 329 4.56 -16.33 10.79
C GLY A 329 6.06 -16.57 10.88
N VAL A 330 6.59 -17.69 10.36
CA VAL A 330 8.00 -17.98 10.39
C VAL A 330 8.76 -17.32 9.25
N VAL A 331 8.16 -17.12 8.12
CA VAL A 331 8.72 -16.55 6.95
C VAL A 331 8.84 -15.05 7.05
N ASN A 332 7.84 -14.38 7.52
CA ASN A 332 7.69 -12.98 7.68
C ASN A 332 8.33 -12.52 8.96
N PRO A 333 9.45 -11.77 8.97
CA PRO A 333 10.09 -11.39 10.22
C PRO A 333 9.39 -10.25 10.95
N ARG A 334 8.47 -9.52 10.30
CA ARG A 334 7.60 -8.54 11.01
C ARG A 334 6.69 -9.26 12.00
N ILE A 335 6.22 -10.47 11.67
CA ILE A 335 5.36 -11.28 12.54
C ILE A 335 6.18 -12.09 13.54
N ARG A 336 7.33 -12.61 13.13
CA ARG A 336 8.16 -13.49 13.87
C ARG A 336 8.73 -12.85 15.11
N HIS A 337 9.30 -11.71 14.99
CA HIS A 337 10.14 -11.03 15.91
C HIS A 337 9.52 -9.91 16.71
N LYS A 338 8.36 -9.43 16.39
CA LYS A 338 7.65 -8.43 17.08
C LYS A 338 7.39 -8.81 18.51
N LYS A 339 6.94 -10.06 18.75
CA LYS A 339 6.77 -10.66 20.09
C LYS A 339 6.86 -12.19 20.06
N MET B 16 -8.35 15.80 -16.57
CA MET B 16 -9.61 15.74 -17.35
C MET B 16 -10.79 15.35 -16.45
N THR B 17 -12.04 15.44 -16.93
CA THR B 17 -13.22 14.95 -16.21
C THR B 17 -13.08 13.46 -15.87
N PRO B 18 -13.62 12.97 -14.74
CA PRO B 18 -13.29 11.63 -14.25
C PRO B 18 -13.73 10.50 -15.19
N LEU B 19 -14.87 10.64 -15.86
CA LEU B 19 -15.37 9.65 -16.82
C LEU B 19 -14.51 9.60 -18.10
N GLN B 20 -14.14 10.74 -18.66
CA GLN B 20 -13.31 10.75 -19.86
C GLN B 20 -11.86 10.38 -19.55
N GLU B 21 -11.35 10.71 -18.37
CA GLU B 21 -10.01 10.30 -17.94
C GLU B 21 -9.95 8.78 -17.74
N PHE B 22 -11.01 8.20 -17.17
CA PHE B 22 -11.20 6.75 -17.11
C PHE B 22 -11.18 6.12 -18.50
N TRP B 23 -11.95 6.61 -19.48
CA TRP B 23 -11.95 6.01 -20.80
C TRP B 23 -10.61 6.15 -21.51
N HIS B 24 -9.97 7.31 -21.42
CA HIS B 24 -8.66 7.53 -22.03
C HIS B 24 -7.61 6.56 -21.49
N TYR B 25 -7.63 6.26 -20.20
CA TYR B 25 -6.77 5.24 -19.61
C TYR B 25 -7.21 3.81 -19.96
N PHE B 26 -8.51 3.51 -19.93
CA PHE B 26 -9.05 2.19 -20.29
C PHE B 26 -8.71 1.78 -21.72
N LYS B 27 -8.75 2.72 -22.67
CA LYS B 27 -8.43 2.51 -24.09
C LYS B 27 -6.96 2.17 -24.34
N ARG B 28 -6.05 2.43 -23.41
CA ARG B 28 -4.64 1.98 -23.50
C ARG B 28 -4.56 0.45 -23.53
N ASN B 29 -5.36 -0.21 -22.69
CA ASN B 29 -5.42 -1.66 -22.59
C ASN B 29 -6.33 -2.19 -23.70
N LYS B 30 -5.73 -2.60 -24.81
CA LYS B 30 -6.37 -3.09 -25.96
C LYS B 30 -7.16 -4.34 -25.70
N GLY B 31 -6.65 -5.24 -24.93
CA GLY B 31 -7.32 -6.38 -24.52
C GLY B 31 -8.62 -6.16 -23.85
N ALA B 32 -8.70 -5.17 -23.02
CA ALA B 32 -9.88 -4.70 -22.40
C ALA B 32 -10.91 -4.28 -23.41
N VAL B 33 -10.50 -3.54 -24.43
CA VAL B 33 -11.39 -3.09 -25.51
C VAL B 33 -11.95 -4.29 -26.27
N VAL B 34 -11.15 -5.32 -26.54
CA VAL B 34 -11.54 -6.55 -27.15
C VAL B 34 -12.60 -7.23 -26.33
N GLY B 35 -12.38 -7.37 -25.07
CA GLY B 35 -13.30 -7.91 -24.19
C GLY B 35 -14.60 -7.23 -24.10
N LEU B 36 -14.58 -5.90 -24.06
CA LEU B 36 -15.80 -5.09 -24.05
C LEU B 36 -16.60 -5.27 -25.34
N VAL B 37 -15.93 -5.38 -26.48
CA VAL B 37 -16.51 -5.65 -27.75
C VAL B 37 -17.25 -6.96 -27.72
N TYR B 38 -16.63 -8.00 -27.26
CA TYR B 38 -17.17 -9.29 -27.09
C TYR B 38 -18.39 -9.28 -26.23
N VAL B 39 -18.33 -8.61 -25.12
CA VAL B 39 -19.37 -8.45 -24.16
C VAL B 39 -20.59 -7.85 -24.80
N VAL B 40 -20.43 -6.79 -25.51
CA VAL B 40 -21.43 -6.09 -26.24
C VAL B 40 -22.09 -7.00 -27.24
N ILE B 41 -21.35 -7.72 -28.01
CA ILE B 41 -21.77 -8.63 -29.00
C ILE B 41 -22.66 -9.69 -28.43
N VAL B 42 -22.22 -10.37 -27.35
CA VAL B 42 -23.00 -11.46 -26.75
C VAL B 42 -24.26 -10.94 -26.05
N LEU B 43 -24.24 -9.72 -25.50
CA LEU B 43 -25.43 -9.07 -24.95
C LEU B 43 -26.47 -8.77 -26.03
N PHE B 44 -26.06 -8.35 -27.23
CA PHE B 44 -26.97 -8.17 -28.36
C PHE B 44 -27.57 -9.50 -28.86
N ILE B 45 -26.78 -10.57 -28.89
CA ILE B 45 -27.25 -11.94 -29.15
C ILE B 45 -28.24 -12.41 -28.07
N ALA B 46 -27.94 -12.17 -26.79
CA ALA B 46 -28.81 -12.54 -25.69
C ALA B 46 -30.18 -11.83 -25.77
N ILE B 47 -30.22 -10.53 -26.04
CA ILE B 47 -31.49 -9.81 -26.15
C ILE B 47 -32.30 -10.35 -27.32
N PHE B 48 -31.75 -10.31 -28.54
CA PHE B 48 -32.51 -10.53 -29.77
C PHE B 48 -32.50 -11.98 -30.28
N ALA B 49 -32.20 -12.95 -29.41
CA ALA B 49 -32.15 -14.36 -29.76
C ALA B 49 -33.39 -14.86 -30.51
N ASN B 50 -34.59 -14.43 -30.13
CA ASN B 50 -35.85 -14.88 -30.74
C ASN B 50 -35.95 -14.55 -32.23
N TRP B 51 -35.22 -13.56 -32.71
CA TRP B 51 -35.23 -13.13 -34.11
C TRP B 51 -34.01 -13.67 -34.87
N ILE B 52 -32.84 -13.68 -34.23
CA ILE B 52 -31.56 -14.05 -34.86
C ILE B 52 -31.41 -15.58 -34.96
N ALA B 53 -31.81 -16.36 -33.96
CA ALA B 53 -31.52 -17.79 -33.88
C ALA B 53 -32.29 -18.60 -34.95
N PRO B 54 -31.66 -19.58 -35.63
CA PRO B 54 -32.29 -20.31 -36.73
C PRO B 54 -33.57 -21.06 -36.39
N TYR B 55 -33.57 -21.80 -35.27
CA TYR B 55 -34.64 -22.72 -34.88
C TYR B 55 -34.94 -22.63 -33.38
N ASN B 56 -36.06 -23.17 -32.94
CA ASN B 56 -36.44 -23.18 -31.54
C ASN B 56 -35.53 -24.10 -30.72
N PRO B 57 -35.06 -23.73 -29.52
CA PRO B 57 -34.18 -24.56 -28.71
C PRO B 57 -34.64 -25.98 -28.40
N ALA B 58 -35.95 -26.23 -28.38
CA ALA B 58 -36.55 -27.51 -28.02
C ALA B 58 -36.91 -28.40 -29.22
N GLU B 59 -36.78 -27.93 -30.45
CA GLU B 59 -37.22 -28.68 -31.63
C GLU B 59 -36.31 -29.87 -31.90
N GLN B 60 -36.83 -31.09 -31.74
CA GLN B 60 -36.14 -32.29 -32.18
C GLN B 60 -36.35 -32.50 -33.68
N PHE B 61 -35.31 -32.36 -34.49
CA PHE B 61 -35.28 -32.96 -35.82
C PHE B 61 -35.12 -34.48 -35.71
N ARG B 62 -35.58 -35.24 -36.74
CA ARG B 62 -35.32 -36.69 -36.85
C ARG B 62 -34.90 -37.14 -38.24
N ASP B 63 -35.07 -36.32 -39.27
CA ASP B 63 -34.40 -36.57 -40.53
C ASP B 63 -32.91 -36.30 -40.42
N ALA B 64 -32.49 -35.55 -39.40
CA ALA B 64 -31.11 -35.34 -38.99
C ALA B 64 -30.99 -35.51 -37.48
N LEU B 65 -29.91 -36.13 -37.04
CA LEU B 65 -29.66 -36.55 -35.66
C LEU B 65 -28.15 -36.75 -35.54
N LEU B 66 -27.47 -36.02 -34.66
CA LEU B 66 -26.01 -35.99 -34.54
C LEU B 66 -25.27 -35.75 -35.86
N ALA B 67 -25.82 -34.90 -36.74
CA ALA B 67 -25.21 -34.50 -38.01
C ALA B 67 -24.13 -33.43 -37.83
N PRO B 68 -23.00 -33.49 -38.55
CA PRO B 68 -21.87 -32.56 -38.39
C PRO B 68 -22.14 -31.09 -38.74
N PRO B 69 -21.25 -30.16 -38.34
CA PRO B 69 -21.21 -28.78 -38.79
C PRO B 69 -21.23 -28.58 -40.32
N ALA B 70 -21.58 -27.37 -40.75
CA ALA B 70 -21.83 -27.05 -42.15
C ALA B 70 -20.67 -27.30 -43.10
N TRP B 71 -19.43 -27.17 -42.61
CA TRP B 71 -18.22 -27.35 -43.41
C TRP B 71 -17.69 -28.79 -43.42
N GLN B 72 -18.09 -29.64 -42.47
CA GLN B 72 -17.60 -31.00 -42.37
C GLN B 72 -18.36 -31.93 -43.32
N GLU B 73 -17.66 -32.92 -43.90
CA GLU B 73 -18.27 -33.86 -44.85
C GLU B 73 -19.37 -34.66 -44.18
N GLY B 74 -20.47 -34.91 -44.89
CA GLY B 74 -21.68 -35.52 -44.34
C GLY B 74 -22.50 -34.59 -43.45
N GLY B 75 -22.03 -33.38 -43.19
CA GLY B 75 -22.76 -32.29 -42.55
C GLY B 75 -23.76 -31.62 -43.48
N SER B 76 -24.56 -30.70 -42.94
CA SER B 76 -25.56 -29.95 -43.71
C SER B 76 -25.49 -28.46 -43.39
N MET B 77 -25.50 -27.62 -44.42
CA MET B 77 -25.44 -26.16 -44.28
C MET B 77 -26.69 -25.51 -43.66
N ALA B 78 -27.74 -26.31 -43.42
CA ALA B 78 -28.95 -25.91 -42.70
C ALA B 78 -28.71 -25.79 -41.20
N HIS B 79 -27.70 -26.48 -40.64
CA HIS B 79 -27.38 -26.49 -39.21
C HIS B 79 -25.92 -26.12 -38.99
N LEU B 80 -25.65 -24.83 -38.82
CA LEU B 80 -24.31 -24.27 -38.89
C LEU B 80 -23.30 -24.97 -37.98
N LEU B 81 -23.61 -25.16 -36.70
CA LEU B 81 -22.76 -25.84 -35.73
C LEU B 81 -23.17 -27.30 -35.44
N GLY B 82 -23.87 -27.94 -36.37
CA GLY B 82 -24.29 -29.32 -36.24
C GLY B 82 -25.41 -29.52 -35.23
N THR B 83 -25.67 -30.78 -34.89
CA THR B 83 -26.84 -31.21 -34.13
C THR B 83 -26.45 -32.09 -32.95
N ASP B 84 -27.17 -32.04 -31.83
CA ASP B 84 -26.98 -32.98 -30.71
C ASP B 84 -27.63 -34.34 -30.95
N ASP B 85 -27.57 -35.21 -29.96
CA ASP B 85 -27.90 -36.62 -30.12
C ASP B 85 -29.39 -36.87 -30.22
N VAL B 86 -30.22 -35.92 -29.80
CA VAL B 86 -31.69 -36.02 -29.85
C VAL B 86 -32.28 -35.11 -30.91
N GLY B 87 -31.43 -34.58 -31.78
CA GLY B 87 -31.82 -33.87 -32.99
C GLY B 87 -31.92 -32.35 -32.87
N ARG B 88 -31.32 -31.71 -31.87
CA ARG B 88 -31.46 -30.27 -31.63
C ARG B 88 -30.25 -29.48 -32.12
N ASP B 89 -30.48 -28.35 -32.80
CA ASP B 89 -29.42 -27.50 -33.33
C ASP B 89 -28.55 -26.89 -32.24
N VAL B 90 -27.23 -26.99 -32.37
CA VAL B 90 -26.29 -26.42 -31.42
C VAL B 90 -26.26 -24.89 -31.46
N LEU B 91 -26.34 -24.25 -32.64
CA LEU B 91 -26.17 -22.80 -32.73
C LEU B 91 -27.29 -22.05 -32.00
N SER B 92 -28.55 -22.38 -32.30
CA SER B 92 -29.70 -21.81 -31.60
C SER B 92 -29.65 -22.07 -30.11
N ARG B 93 -29.20 -23.24 -29.66
CA ARG B 93 -29.09 -23.54 -28.24
C ARG B 93 -28.00 -22.74 -27.55
N LEU B 94 -26.87 -22.46 -28.18
CA LEU B 94 -25.84 -21.62 -27.57
C LEU B 94 -26.33 -20.19 -27.31
N MET B 95 -27.09 -19.61 -28.24
CA MET B 95 -27.62 -18.25 -28.14
C MET B 95 -28.65 -18.10 -27.02
N TYR B 96 -29.57 -19.05 -26.89
CA TYR B 96 -30.48 -19.07 -25.74
C TYR B 96 -29.73 -19.39 -24.43
N GLY B 97 -28.65 -20.16 -24.47
CA GLY B 97 -27.78 -20.34 -23.31
C GLY B 97 -27.20 -19.03 -22.84
N ALA B 98 -26.91 -18.14 -23.78
CA ALA B 98 -26.38 -16.83 -23.45
C ALA B 98 -27.36 -16.04 -22.59
N ARG B 99 -28.67 -16.07 -22.90
CA ARG B 99 -29.70 -15.37 -22.10
C ARG B 99 -29.60 -15.77 -20.66
N LEU B 100 -29.75 -17.07 -20.38
CA LEU B 100 -29.80 -17.60 -19.03
C LEU B 100 -28.49 -17.36 -18.29
N SER B 101 -27.36 -17.48 -18.97
CA SER B 101 -26.04 -17.29 -18.34
C SER B 101 -25.79 -15.84 -17.94
N LEU B 102 -26.05 -14.88 -18.82
CA LEU B 102 -25.93 -13.45 -18.48
C LEU B 102 -27.00 -12.98 -17.50
N LEU B 103 -28.24 -13.49 -17.59
CA LEU B 103 -29.27 -13.07 -16.64
C LEU B 103 -28.91 -13.51 -15.22
N VAL B 104 -28.46 -14.75 -15.03
CA VAL B 104 -28.03 -15.24 -13.71
C VAL B 104 -26.78 -14.50 -13.24
N GLY B 105 -25.85 -14.16 -14.12
CA GLY B 105 -24.74 -13.27 -13.79
C GLY B 105 -25.19 -11.93 -13.24
N CYS B 106 -26.21 -11.31 -13.84
CA CYS B 106 -26.77 -10.06 -13.35
C CYS B 106 -27.35 -10.21 -11.95
N LEU B 107 -28.23 -11.18 -11.69
CA LEU B 107 -28.81 -11.35 -10.35
C LEU B 107 -27.73 -11.66 -9.30
N VAL B 108 -26.78 -12.54 -9.61
CA VAL B 108 -25.69 -12.90 -8.69
C VAL B 108 -24.84 -11.68 -8.34
N VAL B 109 -24.39 -10.90 -9.31
CA VAL B 109 -23.54 -9.72 -9.04
C VAL B 109 -24.32 -8.57 -8.42
N VAL B 110 -25.53 -8.26 -8.90
CA VAL B 110 -26.31 -7.14 -8.35
C VAL B 110 -26.70 -7.37 -6.90
N LEU B 111 -27.24 -8.54 -6.54
CA LEU B 111 -27.63 -8.78 -5.15
C LEU B 111 -26.44 -8.96 -4.22
N SER B 112 -25.36 -9.62 -4.65
CA SER B 112 -24.17 -9.74 -3.81
C SER B 112 -23.45 -8.42 -3.61
N LEU B 113 -23.43 -7.50 -4.58
CA LEU B 113 -23.00 -6.13 -4.36
C LEU B 113 -23.90 -5.41 -3.36
N ILE B 114 -25.21 -5.37 -3.57
CA ILE B 114 -26.12 -4.59 -2.72
C ILE B 114 -26.04 -5.04 -1.27
N MET B 115 -26.19 -6.34 -1.00
CA MET B 115 -26.16 -6.87 0.36
C MET B 115 -24.74 -6.84 0.95
N GLY B 116 -23.73 -7.11 0.15
CA GLY B 116 -22.34 -7.20 0.60
C GLY B 116 -21.68 -5.86 0.91
N VAL B 117 -21.91 -4.84 0.10
CA VAL B 117 -21.39 -3.49 0.34
C VAL B 117 -22.04 -2.86 1.56
N ILE B 118 -23.34 -3.01 1.75
CA ILE B 118 -24.04 -2.53 2.94
C ILE B 118 -23.46 -3.17 4.20
N LEU B 119 -23.33 -4.50 4.25
CA LEU B 119 -22.75 -5.18 5.40
C LEU B 119 -21.28 -4.81 5.63
N GLY B 120 -20.50 -4.60 4.57
CA GLY B 120 -19.11 -4.20 4.70
C GLY B 120 -18.93 -2.79 5.24
N LEU B 121 -19.75 -1.83 4.84
CA LEU B 121 -19.75 -0.48 5.42
C LEU B 121 -20.23 -0.50 6.87
N ILE B 122 -21.31 -1.22 7.17
CA ILE B 122 -21.81 -1.39 8.54
C ILE B 122 -20.75 -2.04 9.43
N ALA B 123 -19.98 -3.00 8.93
CA ALA B 123 -18.89 -3.64 9.66
C ALA B 123 -17.67 -2.75 9.83
N GLY B 124 -17.23 -2.07 8.77
CA GLY B 124 -16.03 -1.26 8.78
C GLY B 124 -16.14 0.07 9.53
N TYR B 125 -17.24 0.80 9.40
CA TYR B 125 -17.39 2.10 10.07
C TYR B 125 -17.79 1.95 11.54
N PHE B 126 -18.86 1.21 11.84
CA PHE B 126 -19.32 1.10 13.23
C PHE B 126 -18.34 0.31 14.10
N GLY B 127 -17.79 -0.78 13.59
CA GLY B 127 -16.87 -1.55 14.25
C GLY B 127 -17.34 -2.24 15.47
N GLY B 128 -16.48 -2.73 16.30
CA GLY B 128 -16.79 -3.33 17.50
C GLY B 128 -17.53 -4.60 17.43
N LEU B 129 -18.52 -4.82 18.23
CA LEU B 129 -19.32 -5.99 18.30
C LEU B 129 -19.94 -6.33 16.98
N VAL B 130 -20.42 -5.32 16.25
CA VAL B 130 -21.04 -5.46 14.93
C VAL B 130 -20.06 -6.06 13.92
N ASP B 131 -18.80 -5.62 13.96
CA ASP B 131 -17.74 -6.16 13.12
C ASP B 131 -17.40 -7.61 13.48
N ASN B 132 -17.33 -7.92 14.77
CA ASN B 132 -17.07 -9.28 15.22
C ASN B 132 -18.18 -10.24 14.79
N ILE B 133 -19.45 -9.89 14.99
CA ILE B 133 -20.57 -10.71 14.54
C ILE B 133 -20.55 -10.90 13.02
N ILE B 134 -20.42 -9.84 12.23
CA ILE B 134 -20.39 -9.94 10.77
C ILE B 134 -19.21 -10.78 10.30
N MET B 135 -17.99 -10.49 10.74
CA MET B 135 -16.82 -11.19 10.23
C MET B 135 -16.73 -12.64 10.69
N ARG B 136 -17.14 -13.00 11.91
CA ARG B 136 -17.18 -14.41 12.29
C ARG B 136 -18.23 -15.19 11.51
N VAL B 137 -19.39 -14.59 11.18
CA VAL B 137 -20.37 -15.23 10.30
C VAL B 137 -19.83 -15.42 8.89
N VAL B 138 -19.18 -14.41 8.31
CA VAL B 138 -18.50 -14.53 7.01
C VAL B 138 -17.38 -15.58 7.03
N ASP B 139 -16.57 -15.63 8.07
CA ASP B 139 -15.53 -16.65 8.22
C ASP B 139 -16.12 -18.07 8.31
N ILE B 140 -17.24 -18.26 9.00
CA ILE B 140 -17.94 -19.55 9.02
C ILE B 140 -18.48 -19.90 7.64
N MET B 141 -19.00 -18.91 6.91
CA MET B 141 -19.54 -19.10 5.56
C MET B 141 -18.47 -19.44 4.51
N LEU B 142 -17.23 -18.98 4.69
CA LEU B 142 -16.07 -19.34 3.87
C LEU B 142 -15.32 -20.59 4.37
N ALA B 143 -15.72 -21.22 5.48
CA ALA B 143 -15.04 -22.41 6.01
C ALA B 143 -15.24 -23.67 5.13
N LEU B 144 -16.12 -23.60 4.13
CA LEU B 144 -16.41 -24.63 3.14
C LEU B 144 -16.29 -23.99 1.73
N PRO B 145 -15.70 -24.66 0.73
CA PRO B 145 -15.50 -24.12 -0.62
C PRO B 145 -16.79 -23.63 -1.29
N SER B 146 -16.67 -22.63 -2.17
CA SER B 146 -17.82 -21.98 -2.83
C SER B 146 -18.78 -22.98 -3.48
N LEU B 147 -18.28 -23.82 -4.38
CA LEU B 147 -19.13 -24.74 -5.12
C LEU B 147 -19.77 -25.79 -4.23
N LEU B 148 -19.05 -26.29 -3.21
CA LEU B 148 -19.58 -27.32 -2.33
C LEU B 148 -20.71 -26.78 -1.45
N LEU B 149 -20.60 -25.54 -0.95
CA LEU B 149 -21.68 -24.92 -0.20
C LEU B 149 -22.90 -24.66 -1.09
N ALA B 150 -22.70 -24.23 -2.33
CA ALA B 150 -23.81 -24.04 -3.26
C ALA B 150 -24.48 -25.36 -3.57
N LEU B 151 -23.74 -26.44 -3.77
CA LEU B 151 -24.31 -27.76 -4.01
C LEU B 151 -25.13 -28.26 -2.83
N VAL B 152 -24.65 -28.08 -1.59
CA VAL B 152 -25.38 -28.44 -0.38
C VAL B 152 -26.73 -27.72 -0.31
N LEU B 153 -26.76 -26.41 -0.56
CA LEU B 153 -28.01 -25.64 -0.58
C LEU B 153 -28.96 -26.14 -1.67
N VAL B 154 -28.48 -26.27 -2.92
CA VAL B 154 -29.32 -26.68 -4.05
C VAL B 154 -29.87 -28.09 -3.87
N ALA B 155 -29.12 -29.04 -3.31
CA ALA B 155 -29.61 -30.39 -3.07
C ALA B 155 -30.72 -30.44 -2.02
N ILE B 156 -30.67 -29.56 -1.00
CA ILE B 156 -31.70 -29.45 0.04
C ILE B 156 -33.00 -28.87 -0.53
N PHE B 157 -32.93 -27.78 -1.29
CA PHE B 157 -34.12 -27.06 -1.77
C PHE B 157 -34.68 -27.53 -3.12
N GLY B 158 -33.84 -28.06 -4.02
CA GLY B 158 -34.23 -28.66 -5.29
C GLY B 158 -33.50 -28.05 -6.49
N PRO B 159 -32.94 -28.83 -7.42
CA PRO B 159 -32.38 -28.34 -8.69
C PRO B 159 -33.34 -27.48 -9.52
N SER B 160 -32.99 -26.21 -9.75
CA SER B 160 -33.72 -25.28 -10.61
C SER B 160 -32.92 -23.98 -10.81
N ILE B 161 -33.15 -23.24 -11.90
CA ILE B 161 -32.37 -22.05 -12.25
C ILE B 161 -32.47 -20.99 -11.14
N GLY B 162 -33.67 -20.80 -10.57
CA GLY B 162 -33.89 -19.87 -9.47
C GLY B 162 -33.14 -20.27 -8.21
N ASN B 163 -33.24 -21.53 -7.79
CA ASN B 163 -32.52 -22.01 -6.61
C ASN B 163 -30.99 -21.95 -6.78
N ALA B 164 -30.47 -22.18 -7.99
CA ALA B 164 -29.05 -22.01 -8.28
C ALA B 164 -28.64 -20.54 -8.21
N ALA B 165 -29.39 -19.61 -8.79
CA ALA B 165 -29.10 -18.19 -8.69
C ALA B 165 -29.09 -17.70 -7.24
N LEU B 166 -30.09 -18.07 -6.44
CA LEU B 166 -30.13 -17.73 -5.02
C LEU B 166 -28.94 -18.32 -4.25
N ALA B 167 -28.63 -19.60 -4.42
CA ALA B 167 -27.45 -20.22 -3.79
C ALA B 167 -26.17 -19.48 -4.17
N LEU B 168 -25.98 -19.11 -5.44
CA LEU B 168 -24.79 -18.38 -5.87
C LEU B 168 -24.71 -16.98 -5.26
N THR B 169 -25.81 -16.24 -5.14
CA THR B 169 -25.84 -14.93 -4.45
C THR B 169 -25.42 -15.09 -3.01
N PHE B 170 -25.92 -16.11 -2.30
CA PHE B 170 -25.62 -16.35 -0.89
C PHE B 170 -24.15 -16.72 -0.68
N VAL B 171 -23.55 -17.49 -1.57
CA VAL B 171 -22.14 -17.87 -1.49
C VAL B 171 -21.19 -16.77 -1.98
N ALA B 172 -21.59 -15.90 -2.91
CA ALA B 172 -20.76 -14.79 -3.38
C ALA B 172 -20.71 -13.63 -2.37
N LEU B 173 -21.75 -13.49 -1.55
CA LEU B 173 -21.86 -12.45 -0.51
C LEU B 173 -20.63 -12.27 0.39
N PRO B 174 -20.03 -13.31 1.01
CA PRO B 174 -18.91 -13.14 1.93
C PRO B 174 -17.67 -12.48 1.32
N HIS B 175 -17.36 -12.73 0.05
CA HIS B 175 -16.29 -12.14 -0.65
C HIS B 175 -16.42 -10.66 -0.71
N TYR B 176 -17.61 -10.17 -1.11
CA TYR B 176 -17.89 -8.74 -1.20
C TYR B 176 -17.92 -8.06 0.17
N VAL B 177 -18.38 -8.75 1.24
CA VAL B 177 -18.29 -8.20 2.60
C VAL B 177 -16.85 -7.97 3.01
N ARG B 178 -16.01 -9.00 2.88
CA ARG B 178 -14.59 -8.94 3.24
C ARG B 178 -13.83 -7.91 2.43
N LEU B 179 -14.11 -7.77 1.14
CA LEU B 179 -13.44 -6.81 0.28
C LEU B 179 -13.88 -5.38 0.56
N THR B 180 -15.16 -5.15 0.86
CA THR B 180 -15.64 -3.81 1.24
C THR B 180 -15.04 -3.37 2.56
N ARG B 181 -15.04 -4.23 3.58
CA ARG B 181 -14.43 -3.93 4.89
C ARG B 181 -12.96 -3.56 4.76
N ALA B 182 -12.19 -4.30 3.98
CA ALA B 182 -10.77 -4.03 3.78
C ALA B 182 -10.54 -2.65 3.15
N ALA B 183 -11.37 -2.22 2.21
CA ALA B 183 -11.31 -0.88 1.64
C ALA B 183 -11.75 0.19 2.65
N VAL B 184 -12.83 -0.03 3.41
CA VAL B 184 -13.34 0.93 4.39
C VAL B 184 -12.36 1.20 5.52
N LEU B 185 -11.66 0.20 6.05
CA LEU B 185 -10.66 0.40 7.11
C LEU B 185 -9.44 1.21 6.64
N VAL B 186 -9.12 1.17 5.35
CA VAL B 186 -8.07 2.02 4.75
C VAL B 186 -8.56 3.47 4.62
N GLU B 187 -9.86 3.71 4.42
CA GLU B 187 -10.42 5.07 4.39
C GLU B 187 -10.66 5.65 5.78
N VAL B 188 -11.23 4.90 6.73
CA VAL B 188 -11.68 5.42 8.02
C VAL B 188 -10.56 6.03 8.86
N ASN B 189 -9.33 5.56 8.73
CA ASN B 189 -8.19 6.15 9.42
C ASN B 189 -7.68 7.47 8.78
N ARG B 190 -8.09 7.82 7.56
CA ARG B 190 -7.61 9.00 6.83
C ARG B 190 -8.26 10.28 7.34
N ASP B 191 -7.53 11.39 7.23
CA ASP B 191 -7.91 12.63 7.90
C ASP B 191 -9.23 13.23 7.42
N TYR B 192 -9.64 13.01 6.17
CA TYR B 192 -10.89 13.58 5.67
C TYR B 192 -12.12 12.98 6.36
N VAL B 193 -12.05 11.72 6.80
CA VAL B 193 -13.11 11.09 7.59
C VAL B 193 -13.18 11.71 8.97
N THR B 194 -12.03 11.99 9.58
CA THR B 194 -11.95 12.70 10.86
C THR B 194 -12.44 14.14 10.74
N ALA B 195 -12.08 14.85 9.68
CA ALA B 195 -12.46 16.25 9.48
C ALA B 195 -13.98 16.41 9.42
N SER B 196 -14.66 15.53 8.69
CA SER B 196 -16.12 15.52 8.63
C SER B 196 -16.75 15.12 9.98
N ARG B 197 -16.12 14.23 10.74
CA ARG B 197 -16.59 13.87 12.10
C ARG B 197 -16.53 15.04 13.06
N VAL B 198 -15.44 15.83 13.02
CA VAL B 198 -15.32 17.10 13.75
C VAL B 198 -16.36 18.12 13.26
N ALA B 199 -16.57 18.24 11.94
CA ALA B 199 -17.58 19.14 11.39
C ALA B 199 -19.02 18.79 11.80
N GLY B 200 -19.30 17.53 12.16
CA GLY B 200 -20.57 17.12 12.76
C GLY B 200 -21.34 16.03 12.01
N ALA B 201 -20.74 15.36 11.02
CA ALA B 201 -21.45 14.40 10.18
C ALA B 201 -21.88 13.12 10.91
N GLY B 202 -23.14 12.72 10.73
CA GLY B 202 -23.67 11.48 11.27
C GLY B 202 -23.22 10.24 10.50
N ALA B 203 -23.46 9.06 11.06
CA ALA B 203 -22.95 7.81 10.52
C ALA B 203 -23.47 7.50 9.12
N MET B 204 -24.73 7.78 8.82
CA MET B 204 -25.31 7.54 7.50
C MET B 204 -24.65 8.40 6.42
N ARG B 205 -24.33 9.66 6.74
CA ARG B 205 -23.53 10.54 5.90
C ARG B 205 -22.10 10.05 5.76
N GLN B 206 -21.43 9.73 6.85
CA GLN B 206 -20.04 9.25 6.79
C GLN B 206 -19.90 8.01 5.93
N MET B 207 -20.75 6.99 6.13
CA MET B 207 -20.71 5.80 5.30
C MET B 207 -21.06 6.10 3.85
N PHE B 208 -22.28 6.56 3.57
CA PHE B 208 -22.80 6.55 2.21
C PHE B 208 -22.46 7.78 1.37
N ILE B 209 -22.17 8.92 2.00
CA ILE B 209 -21.87 10.17 1.29
C ILE B 209 -20.36 10.46 1.26
N ASN B 210 -19.58 10.06 2.27
CA ASN B 210 -18.14 10.31 2.33
C ASN B 210 -17.26 9.11 2.03
N ILE B 211 -17.44 7.96 2.68
CA ILE B 211 -16.55 6.79 2.53
C ILE B 211 -16.90 5.96 1.28
N PHE B 212 -18.18 5.70 1.01
CA PHE B 212 -18.61 4.87 -0.11
C PHE B 212 -18.04 5.29 -1.47
N PRO B 213 -18.09 6.57 -1.90
CA PRO B 213 -17.52 6.96 -3.18
C PRO B 213 -16.00 6.81 -3.26
N ASN B 214 -15.29 6.74 -2.13
CA ASN B 214 -13.85 6.53 -2.12
C ASN B 214 -13.47 5.05 -2.20
N CYS B 215 -14.22 4.18 -1.53
CA CYS B 215 -14.03 2.73 -1.68
C CYS B 215 -14.72 2.13 -2.91
N LEU B 216 -15.34 2.91 -3.80
CA LEU B 216 -16.03 2.41 -5.00
C LEU B 216 -15.12 1.80 -6.07
N ALA B 217 -13.87 2.25 -6.15
CA ALA B 217 -12.90 1.82 -7.14
C ALA B 217 -12.65 0.31 -7.16
N PRO B 218 -12.31 -0.38 -6.04
CA PRO B 218 -12.20 -1.82 -6.05
C PRO B 218 -13.45 -2.57 -6.37
N LEU B 219 -14.61 -2.07 -5.94
CA LEU B 219 -15.89 -2.76 -6.14
C LEU B 219 -16.29 -2.82 -7.61
N ILE B 220 -16.01 -1.78 -8.39
CA ILE B 220 -16.21 -1.78 -9.85
C ILE B 220 -15.35 -2.85 -10.53
N VAL B 221 -14.11 -3.08 -10.08
CA VAL B 221 -13.28 -4.21 -10.54
C VAL B 221 -13.90 -5.55 -10.16
N GLN B 222 -14.25 -5.72 -8.88
CA GLN B 222 -14.83 -6.97 -8.36
C GLN B 222 -16.24 -7.26 -8.90
N ALA B 223 -16.97 -6.30 -9.46
CA ALA B 223 -18.20 -6.57 -10.20
C ALA B 223 -17.93 -7.36 -11.47
N SER B 224 -16.94 -6.95 -12.29
CA SER B 224 -16.56 -7.69 -13.50
C SER B 224 -15.94 -9.05 -13.21
N LEU B 225 -15.05 -9.14 -12.23
CA LEU B 225 -14.54 -10.44 -11.76
C LEU B 225 -15.62 -11.31 -11.09
N GLY B 226 -16.70 -10.70 -10.61
CA GLY B 226 -17.88 -11.39 -10.09
C GLY B 226 -18.74 -12.02 -11.17
N PHE B 227 -18.92 -11.38 -12.33
CA PHE B 227 -19.59 -12.00 -13.48
C PHE B 227 -18.86 -13.27 -13.94
N SER B 228 -17.53 -13.22 -13.99
CA SER B 228 -16.70 -14.38 -14.30
C SER B 228 -17.00 -15.58 -13.39
N ASN B 229 -16.97 -15.39 -12.08
CA ASN B 229 -17.25 -16.49 -11.15
C ASN B 229 -18.72 -16.91 -11.16
N ALA B 230 -19.66 -15.97 -11.36
CA ALA B 230 -21.08 -16.29 -11.42
C ALA B 230 -21.39 -17.24 -12.58
N ILE B 231 -20.86 -16.98 -13.77
CA ILE B 231 -21.11 -17.84 -14.93
C ILE B 231 -20.28 -19.12 -14.92
N LEU B 232 -19.07 -19.13 -14.33
CA LEU B 232 -18.33 -20.38 -14.12
C LEU B 232 -19.03 -21.30 -13.13
N ASP B 233 -19.41 -20.81 -11.95
CA ASP B 233 -20.08 -21.65 -10.96
C ASP B 233 -21.49 -22.05 -11.41
N MET B 234 -22.23 -21.22 -12.15
CA MET B 234 -23.51 -21.64 -12.74
C MET B 234 -23.33 -22.70 -13.82
N ALA B 235 -22.32 -22.58 -14.68
CA ALA B 235 -21.99 -23.63 -15.64
C ALA B 235 -21.59 -24.94 -14.95
N ALA B 236 -20.79 -24.88 -13.90
CA ALA B 236 -20.41 -26.04 -13.09
C ALA B 236 -21.61 -26.70 -12.43
N LEU B 237 -22.53 -25.92 -11.85
CA LEU B 237 -23.74 -26.37 -11.30
C LEU B 237 -24.58 -27.09 -12.32
N GLY B 238 -24.72 -26.53 -13.49
CA GLY B 238 -25.36 -27.12 -14.55
C GLY B 238 -24.80 -28.41 -15.02
N PHE B 239 -23.48 -28.49 -15.11
CA PHE B 239 -22.78 -29.70 -15.55
C PHE B 239 -23.09 -30.89 -14.64
N LEU B 240 -23.07 -30.67 -13.32
CA LEU B 240 -23.36 -31.67 -12.31
C LEU B 240 -24.86 -31.99 -12.18
N GLY B 241 -25.74 -31.42 -13.00
CA GLY B 241 -27.18 -31.71 -12.99
C GLY B 241 -27.98 -30.96 -11.92
N MET B 242 -27.35 -30.13 -11.11
CA MET B 242 -27.98 -29.34 -10.05
C MET B 242 -28.48 -27.96 -10.51
N GLY B 243 -27.86 -27.34 -11.51
CA GLY B 243 -28.10 -25.93 -11.85
C GLY B 243 -29.35 -25.64 -12.69
N ALA B 244 -29.60 -26.43 -13.73
CA ALA B 244 -30.78 -26.35 -14.59
C ALA B 244 -31.12 -27.74 -15.10
N GLN B 245 -32.39 -28.02 -15.41
CA GLN B 245 -32.82 -29.36 -15.82
C GLN B 245 -32.61 -29.63 -17.32
N PRO B 246 -32.50 -30.90 -17.76
CA PRO B 246 -32.02 -31.29 -19.07
C PRO B 246 -32.65 -30.63 -20.30
N PRO B 247 -33.95 -30.27 -20.35
CA PRO B 247 -34.48 -29.60 -21.52
C PRO B 247 -33.99 -28.15 -21.67
N THR B 248 -33.61 -27.47 -20.58
CA THR B 248 -33.25 -26.05 -20.61
C THR B 248 -31.98 -25.85 -21.43
N PRO B 249 -31.94 -24.89 -22.38
CA PRO B 249 -30.72 -24.64 -23.16
C PRO B 249 -29.71 -23.79 -22.39
N GLU B 250 -28.91 -24.36 -21.55
CA GLU B 250 -27.88 -23.81 -20.75
C GLU B 250 -26.54 -24.38 -21.09
N TRP B 251 -25.48 -23.60 -21.22
CA TRP B 251 -24.15 -24.08 -21.59
C TRP B 251 -23.62 -25.20 -20.68
N GLY B 252 -23.83 -25.10 -19.36
CA GLY B 252 -23.47 -26.17 -18.44
C GLY B 252 -24.22 -27.48 -18.68
N THR B 253 -25.55 -27.46 -18.81
CA THR B 253 -26.34 -28.59 -19.03
C THR B 253 -25.99 -29.29 -20.32
N MET B 254 -25.64 -28.51 -21.35
CA MET B 254 -25.28 -29.05 -22.65
C MET B 254 -24.06 -29.96 -22.56
N LEU B 255 -23.20 -29.84 -21.54
CA LEU B 255 -22.02 -30.66 -21.29
C LEU B 255 -22.23 -31.76 -20.23
N SER B 256 -23.45 -31.95 -19.71
CA SER B 256 -23.76 -32.80 -18.62
C SER B 256 -23.29 -34.21 -18.86
N ASP B 257 -23.61 -34.79 -19.97
CA ASP B 257 -23.44 -36.13 -20.37
C ASP B 257 -22.79 -36.34 -21.72
N VAL B 258 -21.90 -35.43 -22.13
CA VAL B 258 -21.35 -35.42 -23.50
C VAL B 258 -20.08 -36.22 -23.68
N LEU B 259 -19.44 -36.69 -22.62
CA LEU B 259 -18.12 -37.33 -22.76
C LEU B 259 -18.18 -38.64 -23.56
N GLN B 260 -19.37 -39.23 -23.69
CA GLN B 260 -19.63 -40.33 -24.53
C GLN B 260 -19.45 -40.02 -25.98
N PHE B 261 -19.56 -38.74 -26.37
CA PHE B 261 -19.47 -38.28 -27.75
C PHE B 261 -18.07 -37.84 -28.15
N ALA B 262 -17.02 -38.08 -27.35
CA ALA B 262 -15.67 -37.65 -27.72
C ALA B 262 -15.20 -38.22 -29.07
N GLN B 263 -15.66 -39.42 -29.46
CA GLN B 263 -15.40 -40.01 -30.77
C GLN B 263 -16.51 -39.73 -31.80
N SER B 264 -17.78 -39.75 -31.40
CA SER B 264 -18.92 -39.61 -32.31
C SER B 264 -19.18 -38.18 -32.81
N ALA B 265 -18.97 -37.15 -31.97
CA ALA B 265 -19.39 -35.78 -32.27
C ALA B 265 -18.60 -34.73 -31.48
N TRP B 266 -17.47 -34.29 -32.00
CA TRP B 266 -16.59 -33.33 -31.32
C TRP B 266 -17.24 -31.97 -31.05
N TRP B 267 -18.18 -31.54 -31.90
CA TRP B 267 -18.83 -30.24 -31.80
C TRP B 267 -19.68 -30.12 -30.53
N VAL B 268 -20.36 -31.20 -30.15
CA VAL B 268 -21.23 -31.25 -28.97
C VAL B 268 -20.42 -31.00 -27.72
N VAL B 269 -19.20 -31.54 -27.61
CA VAL B 269 -18.31 -31.31 -26.47
C VAL B 269 -17.63 -29.94 -26.54
N THR B 270 -17.28 -29.48 -27.74
CA THR B 270 -16.47 -28.28 -27.91
C THR B 270 -17.23 -26.99 -27.66
N PHE B 271 -18.33 -26.74 -28.36
CA PHE B 271 -18.85 -25.37 -28.48
C PHE B 271 -19.43 -24.77 -27.20
N PRO B 272 -20.18 -25.49 -26.35
CA PRO B 272 -20.67 -24.93 -25.11
C PRO B 272 -19.56 -24.42 -24.19
N GLY B 273 -18.48 -25.19 -24.07
CA GLY B 273 -17.36 -24.82 -23.21
C GLY B 273 -16.49 -23.74 -23.80
N LEU B 274 -16.35 -23.70 -25.12
CA LEU B 274 -15.64 -22.63 -25.81
C LEU B 274 -16.36 -21.30 -25.62
N ALA B 275 -17.69 -21.29 -25.70
CA ALA B 275 -18.50 -20.17 -25.42
C ALA B 275 -18.32 -19.70 -24.01
N ILE B 276 -18.36 -20.62 -23.02
CA ILE B 276 -18.12 -20.28 -21.60
C ILE B 276 -16.75 -19.62 -21.46
N LEU B 277 -15.69 -20.25 -21.96
CA LEU B 277 -14.33 -19.72 -21.90
C LEU B 277 -14.27 -18.32 -22.47
N LEU B 278 -14.86 -18.08 -23.65
CA LEU B 278 -14.85 -16.84 -24.30
C LEU B 278 -15.50 -15.77 -23.45
N THR B 279 -16.65 -16.02 -22.92
CA THR B 279 -17.38 -15.15 -22.08
C THR B 279 -16.61 -14.78 -20.84
N VAL B 280 -16.16 -15.77 -20.09
CA VAL B 280 -15.42 -15.56 -18.85
C VAL B 280 -14.10 -14.82 -19.11
N LEU B 281 -13.42 -15.11 -20.22
CA LEU B 281 -12.18 -14.44 -20.60
C LEU B 281 -12.44 -12.97 -20.93
N ALA B 282 -13.52 -12.66 -21.63
CA ALA B 282 -13.93 -11.33 -21.92
C ALA B 282 -14.14 -10.54 -20.67
N PHE B 283 -14.86 -11.08 -19.68
CA PHE B 283 -15.09 -10.37 -18.41
C PHE B 283 -13.82 -10.22 -17.57
N ASN B 284 -12.92 -11.21 -17.58
CA ASN B 284 -11.61 -11.07 -16.93
C ASN B 284 -10.74 -10.00 -17.61
N LEU B 285 -10.81 -9.88 -18.93
CA LEU B 285 -10.18 -8.86 -19.68
C LEU B 285 -10.66 -7.50 -19.26
N MET B 286 -11.97 -7.31 -19.18
CA MET B 286 -12.53 -6.07 -18.65
C MET B 286 -12.07 -5.84 -17.21
N GLY B 287 -12.02 -6.86 -16.37
CA GLY B 287 -11.60 -6.73 -14.97
C GLY B 287 -10.20 -6.12 -14.83
N ASP B 288 -9.22 -6.62 -15.55
CA ASP B 288 -7.89 -6.00 -15.54
C ASP B 288 -7.84 -4.67 -16.30
N GLY B 289 -8.69 -4.46 -17.31
CA GLY B 289 -8.85 -3.13 -17.90
C GLY B 289 -9.34 -2.08 -16.91
N LEU B 290 -10.33 -2.42 -16.09
CA LEU B 290 -10.84 -1.55 -15.03
C LEU B 290 -9.78 -1.33 -13.95
N ARG B 291 -9.04 -2.35 -13.55
CA ARG B 291 -7.94 -2.24 -12.59
C ARG B 291 -6.88 -1.25 -13.08
N ASP B 292 -6.44 -1.36 -14.34
CA ASP B 292 -5.49 -0.43 -14.95
C ASP B 292 -6.02 1.01 -15.01
N ALA B 293 -7.32 1.22 -15.15
CA ALA B 293 -7.94 2.54 -15.24
C ALA B 293 -8.22 3.19 -13.89
N LEU B 294 -8.11 2.46 -12.78
CA LEU B 294 -8.46 2.89 -11.41
C LEU B 294 -7.27 2.97 -10.44
N ASP B 295 -6.02 2.97 -10.91
CA ASP B 295 -4.86 3.34 -10.09
C ASP B 295 -3.81 4.20 -10.87
N PRO B 296 -2.99 5.03 -10.18
CA PRO B 296 -2.01 5.92 -10.80
C PRO B 296 -0.70 5.22 -11.19
N ALA C 2 39.85 16.85 -11.18
CA ALA C 2 38.80 16.69 -10.26
C ALA C 2 38.37 15.25 -10.14
N LEU C 3 37.87 14.83 -8.97
CA LEU C 3 37.39 13.46 -8.74
C LEU C 3 36.21 13.13 -9.65
N LEU C 4 35.24 14.04 -9.72
CA LEU C 4 34.04 13.92 -10.53
C LEU C 4 33.92 15.17 -11.41
N ASN C 5 33.63 14.95 -12.68
CA ASN C 5 33.59 15.90 -13.75
C ASN C 5 32.35 15.74 -14.59
N VAL C 6 31.21 16.30 -14.17
CA VAL C 6 29.98 16.33 -14.95
C VAL C 6 30.03 17.50 -15.93
N ASP C 7 29.79 17.24 -17.22
CA ASP C 7 29.79 18.16 -18.30
C ASP C 7 28.61 18.00 -19.21
N LYS C 8 27.76 18.97 -19.37
CA LYS C 8 26.66 18.95 -20.26
C LYS C 8 25.80 17.73 -20.04
N LEU C 9 25.60 17.31 -18.81
CA LEU C 9 24.74 16.18 -18.46
C LEU C 9 23.29 16.55 -18.72
N SER C 10 22.54 15.64 -19.30
CA SER C 10 21.12 15.78 -19.52
C SER C 10 20.41 14.47 -19.24
N VAL C 11 19.20 14.53 -18.70
CA VAL C 11 18.36 13.36 -18.45
C VAL C 11 16.95 13.66 -18.86
N HIS C 12 16.40 12.83 -19.73
CA HIS C 12 15.07 12.98 -20.30
C HIS C 12 14.19 11.81 -19.96
N PHE C 13 12.91 12.05 -19.77
CA PHE C 13 11.89 11.01 -19.65
C PHE C 13 10.80 11.20 -20.70
N GLY C 14 10.21 10.11 -21.19
CA GLY C 14 9.17 10.15 -22.20
C GLY C 14 9.65 10.27 -23.65
N ASP C 15 8.71 10.39 -24.57
CA ASP C 15 8.93 10.31 -26.02
C ASP C 15 9.86 11.41 -26.54
N GLU C 16 10.79 11.06 -27.42
CA GLU C 16 11.86 11.94 -27.88
C GLU C 16 11.37 13.15 -28.70
N SER C 17 10.13 13.13 -29.19
CA SER C 17 9.49 14.28 -29.83
C SER C 17 9.10 15.39 -28.85
N ALA C 18 8.91 15.10 -27.55
CA ALA C 18 8.51 16.06 -26.53
C ALA C 18 8.97 15.59 -25.11
N PRO C 19 10.27 15.58 -24.82
CA PRO C 19 10.82 14.98 -23.61
C PRO C 19 10.58 15.84 -22.36
N PHE C 20 10.36 15.20 -21.21
CA PHE C 20 10.46 15.88 -19.93
C PHE C 20 11.95 16.06 -19.57
N ARG C 21 12.44 17.29 -19.63
CA ARG C 21 13.87 17.58 -19.39
C ARG C 21 14.16 17.69 -17.90
N ALA C 22 14.15 16.57 -17.19
CA ALA C 22 14.38 16.51 -15.76
C ALA C 22 15.75 17.07 -15.35
N VAL C 23 16.76 16.92 -16.21
CA VAL C 23 18.04 17.64 -16.13
C VAL C 23 18.41 18.12 -17.52
N ASP C 24 18.80 19.38 -17.65
CA ASP C 24 18.94 20.06 -18.93
C ASP C 24 20.29 20.78 -19.03
N ARG C 25 21.30 20.08 -19.58
CA ARG C 25 22.65 20.57 -19.88
C ARG C 25 23.40 21.19 -18.69
N ILE C 26 23.40 20.51 -17.55
CA ILE C 26 24.12 20.92 -16.34
C ILE C 26 25.59 20.51 -16.38
N SER C 27 26.44 21.24 -15.68
CA SER C 27 27.88 21.00 -15.68
C SER C 27 28.49 21.45 -14.35
N TYR C 28 29.03 20.50 -13.60
CA TYR C 28 29.65 20.75 -12.31
C TYR C 28 30.71 19.69 -11.98
N SER C 29 31.60 20.03 -11.07
CA SER C 29 32.69 19.25 -10.63
C SER C 29 32.78 19.13 -9.14
N VAL C 30 33.29 18.00 -8.63
CA VAL C 30 33.57 17.76 -7.20
C VAL C 30 35.03 17.36 -7.02
N LYS C 31 35.77 18.03 -6.14
CA LYS C 31 37.17 17.72 -5.82
C LYS C 31 37.27 16.73 -4.66
N GLN C 32 38.43 16.09 -4.50
CA GLN C 32 38.67 15.19 -3.38
C GLN C 32 38.56 15.93 -2.04
N GLY C 33 37.81 15.38 -1.07
CA GLY C 33 37.68 15.97 0.26
C GLY C 33 36.81 17.24 0.35
N GLU C 34 36.25 17.70 -0.76
CA GLU C 34 35.33 18.85 -0.80
C GLU C 34 33.92 18.43 -0.34
N VAL C 35 33.20 19.32 0.35
CA VAL C 35 31.76 19.13 0.63
C VAL C 35 30.96 20.05 -0.29
N VAL C 36 30.14 19.47 -1.15
CA VAL C 36 29.32 20.18 -2.14
C VAL C 36 27.85 20.08 -1.79
N GLY C 37 27.19 21.22 -1.62
CA GLY C 37 25.75 21.29 -1.44
C GLY C 37 25.02 21.42 -2.78
N ILE C 38 23.89 20.75 -2.94
CA ILE C 38 22.97 21.00 -4.06
C ILE C 38 21.60 21.35 -3.50
N VAL C 39 21.09 22.55 -3.77
CA VAL C 39 19.84 23.05 -3.19
C VAL C 39 18.82 23.43 -4.26
N GLY C 40 17.55 23.26 -3.95
CA GLY C 40 16.45 23.56 -4.85
C GLY C 40 15.13 22.94 -4.41
N GLU C 41 14.04 23.64 -4.66
CA GLU C 41 12.66 23.22 -4.37
C GLU C 41 12.21 22.00 -5.19
N SER C 42 11.02 21.46 -4.96
CA SER C 42 10.48 20.35 -5.76
C SER C 42 10.45 20.69 -7.25
N GLY C 43 10.72 19.69 -8.10
CA GLY C 43 10.85 19.87 -9.55
C GLY C 43 12.18 20.47 -10.02
N SER C 44 13.12 20.75 -9.13
CA SER C 44 14.43 21.33 -9.49
C SER C 44 15.42 20.34 -10.09
N GLY C 45 15.25 19.02 -9.94
CA GLY C 45 16.06 18.01 -10.60
C GLY C 45 17.29 17.50 -9.84
N LYS C 46 17.47 17.88 -8.56
CA LYS C 46 18.68 17.58 -7.76
C LYS C 46 19.10 16.11 -7.81
N SER C 47 18.17 15.21 -7.49
CA SER C 47 18.44 13.79 -7.30
C SER C 47 18.87 13.08 -8.59
N VAL C 48 18.42 13.59 -9.74
CA VAL C 48 18.57 12.90 -11.01
C VAL C 48 20.03 12.85 -11.47
N SER C 49 20.87 13.83 -11.13
CA SER C 49 22.30 13.76 -11.42
C SER C 49 23.00 12.64 -10.64
N SER C 50 22.66 12.47 -9.37
CA SER C 50 23.17 11.39 -8.53
C SER C 50 22.76 10.01 -9.05
N LEU C 51 21.48 9.83 -9.37
CA LEU C 51 20.98 8.61 -9.94
C LEU C 51 21.61 8.32 -11.31
N ALA C 52 21.95 9.32 -12.10
CA ALA C 52 22.66 9.14 -13.36
C ALA C 52 24.11 8.66 -13.19
N ILE C 53 24.86 9.20 -12.23
CA ILE C 53 26.21 8.72 -11.89
C ILE C 53 26.15 7.26 -11.44
N MET C 54 25.19 6.91 -10.57
CA MET C 54 24.98 5.57 -10.03
C MET C 54 24.42 4.56 -11.05
N GLY C 55 23.93 5.01 -12.20
CA GLY C 55 23.25 4.16 -13.19
C GLY C 55 21.86 3.69 -12.78
N LEU C 56 21.17 4.41 -11.90
CA LEU C 56 19.84 4.06 -11.37
C LEU C 56 18.66 4.63 -12.17
N ILE C 57 18.91 5.36 -13.27
CA ILE C 57 17.85 5.80 -14.19
C ILE C 57 17.35 4.60 -15.02
N ASP C 58 16.09 4.22 -14.82
CA ASP C 58 15.48 3.04 -15.44
C ASP C 58 14.89 3.28 -16.85
N TYR C 59 14.45 2.20 -17.50
CA TYR C 59 14.09 2.06 -18.92
C TYR C 59 13.37 3.22 -19.63
N PRO C 60 12.34 3.90 -19.07
CA PRO C 60 11.70 5.04 -19.74
C PRO C 60 12.55 6.32 -19.75
N GLY C 61 13.58 6.41 -18.91
CA GLY C 61 14.49 7.53 -18.80
C GLY C 61 15.81 7.30 -19.55
N ARG C 62 16.40 8.38 -20.08
CA ARG C 62 17.58 8.33 -20.94
C ARG C 62 18.60 9.38 -20.55
N VAL C 63 19.86 8.98 -20.37
CA VAL C 63 20.95 9.83 -19.89
C VAL C 63 21.89 10.13 -21.04
N MET C 64 22.16 11.41 -21.29
CA MET C 64 23.05 11.88 -22.33
C MET C 64 23.95 12.94 -21.73
N ALA C 65 25.23 12.89 -22.05
CA ALA C 65 26.26 13.76 -21.56
C ALA C 65 27.42 13.83 -22.51
N GLU C 66 28.25 14.86 -22.35
CA GLU C 66 29.50 14.97 -23.10
C GLU C 66 30.67 14.35 -22.32
N LYS C 67 30.74 14.50 -21.04
CA LYS C 67 31.69 13.97 -20.13
C LYS C 67 31.09 13.68 -18.78
N LEU C 68 31.21 12.43 -18.31
CA LEU C 68 30.71 11.99 -17.01
C LEU C 68 31.78 11.17 -16.28
N GLU C 69 33.01 11.70 -16.24
CA GLU C 69 34.16 11.09 -15.70
C GLU C 69 34.09 11.03 -14.20
N PHE C 70 34.33 9.86 -13.62
CA PHE C 70 34.56 9.69 -12.19
C PHE C 70 35.89 8.96 -12.02
N ASN C 71 36.86 9.57 -11.33
CA ASN C 71 38.11 8.99 -11.04
C ASN C 71 38.86 8.62 -12.30
N GLY C 72 38.64 9.28 -13.39
CA GLY C 72 39.16 9.01 -14.63
C GLY C 72 38.53 8.02 -15.52
N GLN C 73 37.39 7.47 -15.09
CA GLN C 73 36.58 6.51 -15.82
C GLN C 73 35.29 7.17 -16.30
N ASP C 74 35.05 7.13 -17.60
CA ASP C 74 33.90 7.63 -18.26
C ASP C 74 32.72 6.75 -17.98
N LEU C 75 31.78 7.18 -17.14
CA LEU C 75 30.67 6.36 -16.65
C LEU C 75 29.62 6.03 -17.71
N GLN C 76 29.67 6.66 -18.88
CA GLN C 76 28.82 6.36 -20.01
C GLN C 76 29.42 5.32 -20.99
N ARG C 77 30.71 5.01 -20.90
CA ARG C 77 31.41 4.06 -21.80
C ARG C 77 31.73 2.71 -21.15
N ILE C 78 31.95 2.67 -19.84
CA ILE C 78 32.22 1.43 -19.11
C ILE C 78 31.05 0.43 -19.16
N SER C 79 31.36 -0.87 -19.10
CA SER C 79 30.40 -1.97 -19.10
C SER C 79 29.69 -2.18 -17.75
N GLU C 80 28.66 -3.02 -17.70
CA GLU C 80 27.95 -3.33 -16.45
C GLU C 80 28.87 -3.99 -15.40
N LYS C 81 29.77 -4.87 -15.82
CA LYS C 81 30.82 -5.47 -14.97
C LYS C 81 31.64 -4.40 -14.30
N GLU C 82 32.10 -3.41 -15.06
CA GLU C 82 33.03 -2.40 -14.56
C GLU C 82 32.33 -1.33 -13.73
N ARG C 83 31.08 -0.98 -14.04
CA ARG C 83 30.23 -0.14 -13.19
C ARG C 83 30.07 -0.70 -11.78
N ARG C 84 29.86 -2.01 -11.62
CA ARG C 84 29.79 -2.65 -10.31
C ARG C 84 31.11 -2.65 -9.53
N ASN C 85 32.25 -2.38 -10.14
CA ASN C 85 33.49 -2.15 -9.39
C ASN C 85 33.56 -0.74 -8.78
N LEU C 86 32.79 0.22 -9.29
CA LEU C 86 32.75 1.60 -8.81
C LEU C 86 31.58 1.83 -7.86
N VAL C 87 30.38 1.47 -8.26
CA VAL C 87 29.18 1.70 -7.46
C VAL C 87 29.25 0.88 -6.19
N GLY C 88 29.18 1.55 -5.04
CA GLY C 88 29.29 0.93 -3.72
C GLY C 88 30.72 0.75 -3.20
N ALA C 89 31.75 1.07 -3.99
CA ALA C 89 33.16 0.89 -3.61
C ALA C 89 34.08 2.05 -3.92
N GLU C 90 33.72 2.93 -4.85
CA GLU C 90 34.37 4.23 -5.05
C GLU C 90 33.37 5.39 -4.98
N VAL C 91 32.12 5.17 -5.38
CA VAL C 91 30.99 6.10 -5.23
C VAL C 91 29.85 5.39 -4.54
N ALA C 92 29.29 5.97 -3.49
CA ALA C 92 28.25 5.36 -2.66
C ALA C 92 27.13 6.36 -2.35
N MET C 93 25.92 5.87 -2.08
CA MET C 93 24.76 6.73 -1.88
C MET C 93 23.89 6.36 -0.68
N ILE C 94 23.41 7.39 0.02
CA ILE C 94 22.44 7.37 1.13
C ILE C 94 21.16 8.05 0.65
N PHE C 95 19.99 7.52 1.01
CA PHE C 95 18.69 7.96 0.50
C PHE C 95 17.76 8.52 1.59
N GLN C 96 16.61 9.08 1.18
CA GLN C 96 15.76 9.92 2.01
C GLN C 96 15.05 9.20 3.16
N ASP C 97 14.34 8.10 2.88
CA ASP C 97 13.54 7.41 3.91
C ASP C 97 14.33 6.25 4.52
N PRO C 98 14.78 6.34 5.78
CA PRO C 98 15.54 5.28 6.41
C PRO C 98 14.66 4.09 6.82
N MET C 99 13.33 4.23 6.91
CA MET C 99 12.46 3.13 7.33
C MET C 99 12.22 2.12 6.20
N THR C 100 12.35 2.53 4.94
CA THR C 100 12.20 1.66 3.75
C THR C 100 13.51 1.44 2.97
N SER C 101 14.61 2.13 3.28
CA SER C 101 15.87 1.93 2.56
C SER C 101 16.54 0.59 2.83
N LEU C 102 16.28 -0.06 3.97
CA LEU C 102 16.81 -1.38 4.32
C LEU C 102 15.80 -2.49 4.00
N ASN C 103 16.26 -3.64 3.53
CA ASN C 103 15.39 -4.75 3.16
C ASN C 103 14.71 -5.37 4.39
N PRO C 104 13.37 -5.42 4.51
CA PRO C 104 12.67 -5.95 5.67
C PRO C 104 13.05 -7.37 6.08
N CYS C 105 13.45 -8.22 5.13
CA CYS C 105 13.54 -9.65 5.34
C CYS C 105 14.89 -10.17 5.88
N TYR C 106 15.93 -9.34 5.93
CA TYR C 106 17.27 -9.77 6.34
C TYR C 106 17.82 -8.89 7.47
N THR C 107 18.62 -9.45 8.35
CA THR C 107 19.19 -8.71 9.49
C THR C 107 20.15 -7.61 9.03
N VAL C 108 20.36 -6.60 9.88
CA VAL C 108 21.32 -5.51 9.62
C VAL C 108 22.70 -6.06 9.31
N GLY C 109 23.11 -7.10 10.01
CA GLY C 109 24.40 -7.74 9.80
C GLY C 109 24.55 -8.39 8.44
N PHE C 110 23.52 -9.07 7.94
CA PHE C 110 23.56 -9.62 6.58
C PHE C 110 23.72 -8.51 5.55
N GLN C 111 23.01 -7.41 5.71
CA GLN C 111 23.02 -6.31 4.75
C GLN C 111 24.36 -5.55 4.70
N ILE C 112 25.08 -5.43 5.83
CA ILE C 112 26.44 -4.89 5.86
C ILE C 112 27.46 -5.93 5.35
N MET C 113 27.38 -7.17 5.81
CA MET C 113 28.34 -8.22 5.43
C MET C 113 28.24 -8.62 3.95
N GLU C 114 27.10 -8.44 3.32
CA GLU C 114 26.94 -8.57 1.87
C GLU C 114 27.71 -7.51 1.10
N ALA C 115 27.66 -6.26 1.52
CA ALA C 115 28.41 -5.18 0.89
C ALA C 115 29.92 -5.40 0.95
N ILE C 116 30.45 -5.86 2.08
CA ILE C 116 31.86 -6.20 2.21
C ILE C 116 32.22 -7.36 1.30
N LYS C 117 31.39 -8.41 1.21
CA LYS C 117 31.67 -9.61 0.40
C LYS C 117 31.84 -9.27 -1.08
N VAL C 118 30.94 -8.46 -1.63
CA VAL C 118 30.89 -8.21 -3.07
C VAL C 118 32.10 -7.43 -3.57
N HIS C 119 32.66 -6.54 -2.76
CA HIS C 119 33.79 -5.71 -3.15
C HIS C 119 35.14 -6.11 -2.56
N GLN C 120 35.18 -6.80 -1.40
CA GLN C 120 36.43 -7.17 -0.72
C GLN C 120 36.57 -8.67 -0.43
N GLY C 121 35.53 -9.49 -0.61
CA GLY C 121 35.57 -10.91 -0.30
C GLY C 121 35.74 -11.20 1.20
N GLY C 122 36.56 -12.20 1.53
CA GLY C 122 36.89 -12.57 2.90
C GLY C 122 35.90 -13.50 3.58
N ASN C 123 36.37 -14.19 4.63
CA ASN C 123 35.67 -15.17 5.36
C ASN C 123 34.63 -14.55 6.26
N LYS C 124 33.78 -15.36 6.90
CA LYS C 124 32.73 -14.88 7.81
C LYS C 124 33.30 -14.13 9.02
N SER C 125 34.44 -14.57 9.57
CA SER C 125 35.09 -14.00 10.68
C SER C 125 35.50 -12.57 10.43
N THR C 126 36.26 -12.35 9.34
CA THR C 126 36.78 -11.01 9.02
C THR C 126 35.68 -10.06 8.57
N ARG C 127 34.65 -10.54 7.86
CA ARG C 127 33.49 -9.71 7.52
C ARG C 127 32.67 -9.30 8.73
N ARG C 128 32.47 -10.19 9.70
CA ARG C 128 31.80 -9.86 10.95
C ARG C 128 32.59 -8.82 11.74
N GLN C 129 33.90 -9.02 11.92
CA GLN C 129 34.77 -8.14 12.59
C GLN C 129 34.74 -6.76 11.98
N ARG C 130 34.75 -6.68 10.65
CA ARG C 130 34.64 -5.43 9.90
C ARG C 130 33.28 -4.78 10.10
N ALA C 131 32.17 -5.51 10.09
CA ALA C 131 30.86 -4.93 10.43
C ALA C 131 30.81 -4.40 11.87
N ILE C 132 31.49 -5.03 12.83
CA ILE C 132 31.57 -4.60 14.17
C ILE C 132 32.29 -3.28 14.28
N ASP C 133 33.45 -3.18 13.72
CA ASP C 133 34.26 -2.02 13.64
C ASP C 133 33.51 -0.88 12.98
N LEU C 134 32.79 -1.20 11.91
CA LEU C 134 32.06 -0.24 11.09
C LEU C 134 30.81 0.30 11.78
N LEU C 135 30.14 -0.50 12.61
CA LEU C 135 29.06 -0.03 13.48
C LEU C 135 29.58 0.79 14.66
N ASN C 136 30.78 0.48 15.17
CA ASN C 136 31.49 1.27 16.10
C ASN C 136 31.75 2.65 15.54
N GLN C 137 32.16 2.71 14.28
CA GLN C 137 32.53 3.95 13.60
C GLN C 137 31.35 4.91 13.44
N VAL C 138 30.14 4.40 13.17
CA VAL C 138 28.92 5.23 13.11
C VAL C 138 28.24 5.48 14.45
N GLY C 139 28.84 5.10 15.57
CA GLY C 139 28.36 5.31 16.85
C GLY C 139 27.19 4.57 17.32
N ILE C 140 27.00 3.38 16.89
CA ILE C 140 25.99 2.45 17.30
C ILE C 140 26.26 1.97 18.69
N PRO C 141 25.32 1.97 19.64
CA PRO C 141 25.53 1.37 20.94
C PRO C 141 25.53 -0.14 20.91
N ASP C 142 26.50 -0.80 21.45
CA ASP C 142 26.60 -2.21 21.53
C ASP C 142 26.52 -2.83 20.17
N PRO C 143 27.51 -2.64 19.29
CA PRO C 143 27.43 -3.19 17.95
C PRO C 143 27.14 -4.66 17.84
N ALA C 144 27.75 -5.48 18.65
CA ALA C 144 27.75 -6.89 18.57
C ALA C 144 26.35 -7.45 18.58
N SER C 145 25.50 -6.99 19.43
CA SER C 145 24.14 -7.32 19.61
C SER C 145 23.21 -6.70 18.59
N ARG C 146 23.66 -5.80 17.78
CA ARG C 146 22.99 -5.10 16.76
C ARG C 146 22.94 -5.80 15.43
N LEU C 147 23.88 -6.70 15.14
CA LEU C 147 23.94 -7.35 13.83
C LEU C 147 22.69 -8.17 13.53
N ASP C 148 22.17 -8.88 14.52
CA ASP C 148 21.05 -9.74 14.47
C ASP C 148 19.72 -9.04 14.64
N VAL C 149 19.61 -7.78 14.43
CA VAL C 149 18.49 -6.92 14.57
C VAL C 149 17.86 -6.63 13.25
N TYR C 150 16.58 -6.90 13.04
CA TYR C 150 15.89 -6.64 11.78
C TYR C 150 15.53 -5.15 11.63
N PRO C 151 15.43 -4.60 10.41
CA PRO C 151 15.19 -3.18 10.19
C PRO C 151 13.97 -2.59 10.89
N HIS C 152 12.88 -3.35 11.04
CA HIS C 152 11.68 -2.87 11.74
C HIS C 152 11.89 -2.66 13.24
N GLN C 153 12.96 -3.22 13.83
CA GLN C 153 13.38 -3.07 15.16
C GLN C 153 14.16 -1.82 15.42
N LEU C 154 14.65 -1.12 14.39
CA LEU C 154 15.39 0.13 14.49
C LEU C 154 14.47 1.35 14.53
N SER C 155 14.94 2.44 15.12
CA SER C 155 14.41 3.80 14.89
C SER C 155 14.93 4.42 13.59
N GLY C 156 14.35 5.53 13.15
CA GLY C 156 14.78 6.20 11.91
C GLY C 156 16.23 6.69 11.95
N GLY C 157 16.69 7.19 13.09
CA GLY C 157 18.05 7.69 13.27
C GLY C 157 19.09 6.57 13.24
N MET C 158 18.80 5.49 13.96
CA MET C 158 19.60 4.26 13.94
C MET C 158 19.64 3.66 12.54
N SER C 159 18.53 3.72 11.80
CA SER C 159 18.53 3.21 10.43
C SER C 159 19.35 4.08 9.48
N GLN C 160 19.35 5.42 9.58
CA GLN C 160 20.36 6.22 8.85
C GLN C 160 21.80 5.86 9.23
N ARG C 161 22.10 5.62 10.51
CA ARG C 161 23.46 5.20 10.91
C ARG C 161 23.87 3.88 10.26
N VAL C 162 22.96 2.91 10.12
CA VAL C 162 23.21 1.68 9.38
C VAL C 162 23.40 1.94 7.89
N MET C 163 22.64 2.84 7.27
CA MET C 163 22.86 3.23 5.87
C MET C 163 24.26 3.84 5.68
N ILE C 164 24.70 4.73 6.57
CA ILE C 164 26.04 5.29 6.51
C ILE C 164 27.07 4.18 6.66
N ALA C 165 26.91 3.24 7.61
CA ALA C 165 27.83 2.13 7.81
C ALA C 165 27.95 1.27 6.54
N MET C 166 26.82 0.91 5.96
CA MET C 166 26.75 0.10 4.75
C MET C 166 27.36 0.79 3.53
N ALA C 167 27.21 2.11 3.42
CA ALA C 167 27.78 2.91 2.35
C ALA C 167 29.30 3.09 2.48
N ILE C 168 29.82 3.40 3.66
CA ILE C 168 31.26 3.62 3.87
C ILE C 168 32.08 2.32 3.98
N ALA C 169 31.46 1.15 3.91
CA ALA C 169 32.09 -0.14 4.21
C ALA C 169 33.39 -0.39 3.44
N CYS C 170 33.44 -0.03 2.16
CA CYS C 170 34.58 -0.28 1.27
C CYS C 170 35.47 0.95 1.03
N ARG C 171 35.35 1.99 1.88
CA ARG C 171 36.12 3.24 1.84
C ARG C 171 35.98 4.02 0.52
N PRO C 172 34.77 4.50 0.17
CA PRO C 172 34.54 5.19 -1.09
C PRO C 172 35.22 6.56 -1.12
N LYS C 173 35.50 7.07 -2.34
CA LYS C 173 36.02 8.40 -2.57
C LYS C 173 34.94 9.47 -2.57
N LEU C 174 33.70 9.14 -2.94
CA LEU C 174 32.56 10.05 -2.93
C LEU C 174 31.35 9.43 -2.23
N LEU C 175 30.76 10.15 -1.29
CA LEU C 175 29.51 9.78 -0.63
C LEU C 175 28.44 10.80 -1.01
N ILE C 176 27.32 10.32 -1.55
CA ILE C 176 26.20 11.14 -1.98
C ILE C 176 25.05 10.94 -1.00
N ALA C 177 24.43 12.01 -0.50
CA ALA C 177 23.30 11.93 0.42
C ALA C 177 22.09 12.71 -0.08
N ASP C 178 21.03 12.02 -0.49
CA ASP C 178 19.76 12.63 -0.89
C ASP C 178 18.83 12.79 0.31
N GLN C 179 18.73 14.02 0.80
CA GLN C 179 17.85 14.43 1.88
C GLN C 179 17.90 13.49 3.08
N PRO C 180 19.09 13.22 3.66
CA PRO C 180 19.27 12.19 4.69
C PRO C 180 18.54 12.46 6.00
N THR C 181 17.97 13.65 6.18
CA THR C 181 17.42 14.13 7.44
C THR C 181 16.02 14.77 7.30
N THR C 182 15.31 14.53 6.19
CA THR C 182 13.86 14.75 6.14
C THR C 182 13.15 13.71 7.02
N ALA C 183 11.98 14.04 7.58
CA ALA C 183 11.17 13.11 8.39
C ALA C 183 11.95 12.48 9.56
N LEU C 184 12.87 13.26 10.14
CA LEU C 184 13.77 12.87 11.22
C LEU C 184 13.99 14.07 12.17
N ASP C 185 14.11 13.82 13.46
CA ASP C 185 14.11 14.88 14.47
C ASP C 185 15.35 15.79 14.46
N VAL C 186 15.20 17.02 14.90
CA VAL C 186 16.21 18.08 14.77
C VAL C 186 17.52 17.72 15.48
N THR C 187 17.47 17.13 16.66
CA THR C 187 18.69 16.71 17.36
C THR C 187 19.34 15.48 16.73
N ILE C 188 18.58 14.62 16.06
CA ILE C 188 19.12 13.50 15.29
C ILE C 188 19.73 13.97 13.96
N GLN C 189 19.11 14.93 13.29
CA GLN C 189 19.65 15.60 12.11
C GLN C 189 21.03 16.21 12.39
N ALA C 190 21.19 16.90 13.52
CA ALA C 190 22.46 17.45 13.93
C ALA C 190 23.53 16.37 14.13
N GLN C 191 23.17 15.22 14.71
CA GLN C 191 24.06 14.07 14.89
C GLN C 191 24.47 13.44 13.55
N ILE C 192 23.53 13.20 12.62
CA ILE C 192 23.82 12.62 11.31
C ILE C 192 24.72 13.52 10.47
N ILE C 193 24.48 14.84 10.40
CA ILE C 193 25.35 15.73 9.61
C ILE C 193 26.74 15.85 10.25
N GLU C 194 26.82 15.88 11.58
CA GLU C 194 28.04 15.86 12.29
C GLU C 194 28.83 14.61 12.01
N LEU C 195 28.17 13.45 12.01
CA LEU C 195 28.81 12.16 11.70
C LEU C 195 29.37 12.14 10.28
N LEU C 196 28.59 12.57 9.28
CA LEU C 196 29.06 12.64 7.90
C LEU C 196 30.27 13.57 7.76
N LEU C 197 30.30 14.69 8.46
CA LEU C 197 31.43 15.61 8.41
C LEU C 197 32.65 15.08 9.17
N GLU C 198 32.50 14.34 10.27
CA GLU C 198 33.64 13.62 10.86
C GLU C 198 34.18 12.54 9.92
N LEU C 199 33.33 11.81 9.19
CA LEU C 199 33.77 10.83 8.19
C LEU C 199 34.48 11.49 7.00
N GLN C 200 34.00 12.61 6.49
CA GLN C 200 34.67 13.38 5.44
C GLN C 200 36.09 13.80 5.88
N GLN C 201 36.32 14.16 7.14
CA GLN C 201 37.66 14.51 7.62
C GLN C 201 38.56 13.31 7.87
N LYS C 202 38.04 12.22 8.43
CA LYS C 202 38.85 11.04 8.80
C LYS C 202 39.21 10.16 7.61
N GLU C 203 38.28 9.94 6.68
CA GLU C 203 38.47 9.14 5.46
C GLU C 203 38.89 9.96 4.23
N ASN C 204 38.90 11.30 4.33
CA ASN C 204 39.18 12.27 3.26
C ASN C 204 38.26 12.14 2.02
N MET C 205 37.05 11.61 2.19
CA MET C 205 36.11 11.44 1.08
C MET C 205 35.35 12.72 0.73
N ALA C 206 35.03 12.92 -0.54
CA ALA C 206 34.11 13.96 -0.96
C ALA C 206 32.68 13.65 -0.49
N LEU C 207 31.89 14.68 -0.21
CA LEU C 207 30.52 14.53 0.26
C LEU C 207 29.61 15.45 -0.55
N VAL C 208 28.65 14.88 -1.27
CA VAL C 208 27.65 15.63 -2.03
C VAL C 208 26.34 15.53 -1.29
N LEU C 209 25.83 16.66 -0.83
CA LEU C 209 24.77 16.73 0.16
C LEU C 209 23.60 17.53 -0.41
N ILE C 210 22.55 16.84 -0.83
CA ILE C 210 21.49 17.43 -1.64
C ILE C 210 20.23 17.55 -0.79
N THR C 211 19.68 18.76 -0.65
CA THR C 211 18.52 19.02 0.22
C THR C 211 17.75 20.30 -0.16
N HIS C 212 16.52 20.43 0.31
CA HIS C 212 15.71 21.63 0.17
C HIS C 212 15.98 22.69 1.26
N ASP C 213 16.62 22.31 2.38
CA ASP C 213 16.87 23.20 3.52
C ASP C 213 18.23 23.91 3.40
N LEU C 214 18.22 25.20 3.05
CA LEU C 214 19.44 25.98 2.82
C LEU C 214 20.31 26.14 4.08
N ALA C 215 19.71 26.16 5.27
CA ALA C 215 20.46 26.43 6.50
C ALA C 215 21.39 25.27 6.87
N LEU C 216 20.95 24.03 6.64
CA LEU C 216 21.77 22.83 6.83
C LEU C 216 22.99 22.85 5.92
N VAL C 217 22.79 23.23 4.66
CA VAL C 217 23.88 23.32 3.67
C VAL C 217 24.83 24.47 3.98
N ALA C 218 24.34 25.62 4.43
CA ALA C 218 25.18 26.75 4.77
C ALA C 218 26.18 26.45 5.89
N GLU C 219 25.78 25.62 6.85
CA GLU C 219 26.63 25.10 7.91
C GLU C 219 27.59 24.01 7.41
N ALA C 220 27.11 23.04 6.62
CA ALA C 220 27.91 21.89 6.25
C ALA C 220 28.88 22.15 5.08
N ALA C 221 28.42 22.78 4.00
CA ALA C 221 29.09 22.76 2.72
C ALA C 221 30.11 23.88 2.50
N HIS C 222 31.10 23.59 1.66
CA HIS C 222 32.07 24.48 1.13
C HIS C 222 31.58 25.25 -0.07
N LYS C 223 31.13 24.56 -1.06
CA LYS C 223 30.63 24.98 -2.32
C LYS C 223 29.19 24.60 -2.50
N ILE C 224 28.35 25.50 -3.02
CA ILE C 224 26.91 25.30 -3.18
C ILE C 224 26.52 25.47 -4.65
N ILE C 225 25.69 24.56 -5.15
CA ILE C 225 25.04 24.57 -6.46
C ILE C 225 23.55 24.82 -6.23
N VAL C 226 22.97 25.80 -6.89
CA VAL C 226 21.52 26.07 -6.84
C VAL C 226 20.87 25.63 -8.15
N MET C 227 19.86 24.77 -8.07
CA MET C 227 19.14 24.19 -9.20
C MET C 227 17.74 24.82 -9.35
N TYR C 228 17.35 25.20 -10.56
CA TYR C 228 15.97 25.59 -10.87
C TYR C 228 15.47 24.89 -12.13
N ALA C 229 14.27 24.32 -12.08
CA ALA C 229 13.58 23.72 -13.22
C ALA C 229 14.43 22.73 -14.05
N GLY C 230 15.32 21.99 -13.41
CA GLY C 230 16.19 21.02 -14.06
C GLY C 230 17.54 21.56 -14.54
N GLN C 231 17.93 22.80 -14.20
CA GLN C 231 19.23 23.34 -14.59
C GLN C 231 19.88 24.24 -13.54
N VAL C 232 21.21 24.31 -13.55
CA VAL C 232 21.99 25.07 -12.55
C VAL C 232 21.84 26.56 -12.82
N VAL C 233 21.54 27.33 -11.77
CA VAL C 233 21.33 28.77 -11.86
C VAL C 233 22.35 29.59 -11.08
N GLU C 234 22.97 29.05 -10.03
CA GLU C 234 24.10 29.70 -9.36
C GLU C 234 25.05 28.66 -8.78
N THR C 235 26.36 28.92 -8.80
CA THR C 235 27.38 28.12 -8.13
C THR C 235 28.38 29.04 -7.44
N GLY C 236 28.74 28.77 -6.19
CA GLY C 236 29.73 29.58 -5.47
C GLY C 236 30.03 29.10 -4.06
N ASP C 237 30.97 29.75 -3.39
CA ASP C 237 31.32 29.45 -2.01
C ASP C 237 30.13 29.69 -1.07
N ALA C 238 29.93 28.78 -0.11
CA ALA C 238 28.88 28.79 0.84
C ALA C 238 28.76 30.12 1.54
N HIS C 239 29.87 30.68 2.00
CA HIS C 239 29.89 31.92 2.79
C HIS C 239 29.34 33.12 2.00
N ALA C 240 29.71 33.22 0.71
CA ALA C 240 29.34 34.32 -0.16
C ALA C 240 27.94 34.18 -0.78
N ILE C 241 27.55 32.98 -1.24
CA ILE C 241 26.29 32.78 -1.96
C ILE C 241 25.04 33.16 -1.16
N PHE C 242 25.06 33.00 0.16
CA PHE C 242 23.97 33.36 1.07
C PHE C 242 24.20 34.69 1.80
N HIS C 243 25.05 35.56 1.27
CA HIS C 243 25.30 36.90 1.80
C HIS C 243 25.28 37.98 0.72
N ALA C 244 25.74 37.65 -0.49
CA ALA C 244 25.59 38.47 -1.67
C ALA C 244 25.23 37.57 -2.86
N PRO C 245 23.94 37.20 -3.05
CA PRO C 245 23.52 36.25 -4.06
C PRO C 245 23.60 36.86 -5.45
N ARG C 246 24.12 36.13 -6.46
CA ARG C 246 24.30 36.63 -7.83
C ARG C 246 23.16 36.28 -8.77
N HIS C 247 22.25 35.38 -8.41
CA HIS C 247 21.09 35.03 -9.22
C HIS C 247 19.76 35.43 -8.55
N PRO C 248 18.81 36.04 -9.26
CA PRO C 248 17.49 36.38 -8.75
C PRO C 248 16.72 35.22 -8.11
N TYR C 249 16.89 33.96 -8.52
CA TYR C 249 16.28 32.84 -7.81
C TYR C 249 16.90 32.65 -6.43
N THR C 250 18.23 32.71 -6.30
CA THR C 250 18.90 32.58 -5.00
C THR C 250 18.48 33.70 -4.06
N GLN C 251 18.41 34.94 -4.57
CA GLN C 251 17.91 36.08 -3.80
C GLN C 251 16.50 35.83 -3.29
N ALA C 252 15.57 35.39 -4.15
CA ALA C 252 14.21 35.12 -3.75
C ALA C 252 14.09 33.95 -2.75
N LEU C 253 14.84 32.88 -2.98
CA LEU C 253 14.88 31.70 -2.12
C LEU C 253 15.41 32.03 -0.71
N LEU C 254 16.29 33.02 -0.57
CA LEU C 254 16.71 33.57 0.72
C LEU C 254 15.65 34.48 1.33
N ARG C 255 15.11 35.47 0.59
CA ARG C 255 14.08 36.40 1.11
C ARG C 255 12.76 35.74 1.49
N ALA C 256 12.52 34.51 1.04
CA ALA C 256 11.39 33.68 1.42
C ALA C 256 11.61 32.91 2.74
N LEU C 257 12.82 32.91 3.32
CA LEU C 257 13.10 32.23 4.57
C LEU C 257 12.89 33.15 5.79
N PRO C 258 12.30 32.66 6.89
CA PRO C 258 12.13 33.38 8.15
C PRO C 258 13.38 34.05 8.72
N GLU C 259 14.58 33.59 8.36
CA GLU C 259 15.83 34.03 8.84
C GLU C 259 16.05 35.51 8.63
N PHE C 260 15.44 36.07 7.58
CA PHE C 260 15.61 37.47 7.23
C PHE C 260 14.43 38.34 7.61
N ALA C 261 13.38 37.83 8.17
CA ALA C 261 12.21 38.49 8.59
C ALA C 261 12.41 39.28 9.85
N GLN C 262 12.03 40.54 9.90
CA GLN C 262 12.03 41.38 11.05
C GLN C 262 10.77 41.10 11.86
N ASP C 263 10.76 40.07 12.64
CA ASP C 263 9.65 39.62 13.38
C ASP C 263 8.50 39.25 12.47
N LYS C 264 7.39 39.89 12.55
CA LYS C 264 6.15 39.62 11.93
C LYS C 264 6.00 40.17 10.53
N GLU C 265 6.92 40.89 10.00
CA GLU C 265 6.92 41.44 8.70
C GLU C 265 6.76 40.36 7.67
N ARG C 266 5.99 40.54 6.64
CA ARG C 266 5.61 39.61 5.66
C ARG C 266 6.80 39.08 4.89
N LEU C 267 6.78 37.79 4.56
CA LEU C 267 7.83 37.15 3.76
C LEU C 267 7.64 37.47 2.28
N ALA C 268 8.73 37.62 1.54
CA ALA C 268 8.67 37.71 0.08
C ALA C 268 8.44 36.33 -0.56
N SER C 269 7.96 36.29 -1.80
CA SER C 269 7.89 35.08 -2.61
C SER C 269 7.87 35.45 -4.10
N LEU C 270 8.23 34.51 -4.97
CA LEU C 270 7.99 34.67 -6.41
C LEU C 270 6.54 34.31 -6.76
N PRO C 271 5.93 34.95 -7.77
CA PRO C 271 4.66 34.50 -8.35
C PRO C 271 4.85 33.20 -9.14
N GLY C 272 3.77 32.58 -9.59
CA GLY C 272 3.80 31.43 -10.49
C GLY C 272 4.24 30.11 -9.86
N VAL C 273 4.53 29.13 -10.70
CA VAL C 273 4.92 27.75 -10.35
C VAL C 273 6.05 27.24 -11.26
N VAL C 274 6.74 26.18 -10.85
CA VAL C 274 7.86 25.61 -11.61
C VAL C 274 7.41 25.07 -12.97
N PRO C 275 8.15 25.33 -14.07
CA PRO C 275 7.76 24.91 -15.40
C PRO C 275 7.99 23.41 -15.58
N GLY C 276 6.93 22.62 -15.43
CA GLY C 276 6.87 21.20 -15.79
C GLY C 276 6.79 20.97 -17.30
N LYS C 277 6.55 19.72 -17.71
CA LYS C 277 6.70 19.23 -19.09
C LYS C 277 6.08 20.15 -20.17
N TYR C 278 4.90 20.66 -19.92
CA TYR C 278 4.12 21.43 -20.91
C TYR C 278 4.25 22.96 -20.79
N ASP C 279 4.77 23.47 -19.66
CA ASP C 279 4.77 24.90 -19.32
C ASP C 279 6.10 25.63 -19.62
N ARG C 280 7.10 24.94 -20.18
CA ARG C 280 8.45 25.44 -20.45
C ARG C 280 8.46 26.78 -21.19
N PRO C 281 9.00 27.86 -20.61
CA PRO C 281 9.15 29.13 -21.32
C PRO C 281 10.32 29.10 -22.30
N ASN C 282 10.21 29.85 -23.39
CA ASN C 282 11.36 30.20 -24.22
C ASN C 282 12.24 31.20 -23.48
N GLY C 283 13.55 31.21 -23.75
CA GLY C 283 14.49 32.09 -23.07
C GLY C 283 14.85 31.59 -21.68
N CYS C 284 14.99 32.48 -20.72
CA CYS C 284 15.33 32.14 -19.34
C CYS C 284 14.18 31.41 -18.64
N LEU C 285 14.44 30.31 -17.94
CA LEU C 285 13.37 29.52 -17.32
C LEU C 285 12.67 30.24 -16.17
N LEU C 286 13.32 31.18 -15.49
CA LEU C 286 12.69 31.97 -14.44
C LEU C 286 11.85 33.12 -15.00
N ASN C 287 11.83 33.35 -16.32
CA ASN C 287 11.23 34.53 -16.92
C ASN C 287 9.75 34.77 -16.58
N PRO C 288 8.87 33.76 -16.50
CA PRO C 288 7.50 33.98 -16.02
C PRO C 288 7.39 34.56 -14.60
N ARG C 289 8.44 34.46 -13.78
CA ARG C 289 8.40 34.74 -12.34
C ARG C 289 9.30 35.88 -11.90
N CYS C 290 10.33 36.18 -12.67
CA CYS C 290 11.44 37.04 -12.25
C CYS C 290 11.05 38.54 -12.11
N PRO C 291 11.39 39.20 -11.00
CA PRO C 291 11.20 40.64 -10.83
C PRO C 291 11.92 41.51 -11.86
N TYR C 292 13.05 41.06 -12.41
CA TYR C 292 13.99 41.90 -13.16
C TYR C 292 13.92 41.67 -14.68
N ALA C 293 12.97 40.85 -15.14
CA ALA C 293 12.87 40.39 -16.50
C ALA C 293 12.88 41.55 -17.52
N THR C 294 13.55 41.31 -18.63
CA THR C 294 13.78 42.23 -19.74
C THR C 294 13.68 41.43 -21.02
N ASP C 295 13.46 42.07 -22.16
CA ASP C 295 13.15 41.42 -23.43
C ASP C 295 14.23 40.41 -23.83
N ARG C 296 15.52 40.68 -23.60
CA ARG C 296 16.60 39.72 -23.90
C ARG C 296 16.31 38.37 -23.27
N CYS C 297 15.75 38.36 -22.07
CA CYS C 297 15.43 37.17 -21.31
C CYS C 297 14.29 36.34 -21.87
N ARG C 298 13.50 36.86 -22.81
CA ARG C 298 12.50 36.10 -23.59
C ARG C 298 13.00 35.69 -24.99
N ALA C 299 13.92 36.43 -25.57
CA ALA C 299 14.57 36.08 -26.83
C ALA C 299 15.70 35.04 -26.69
N GLU C 300 16.47 35.04 -25.59
CA GLU C 300 17.77 34.37 -25.53
C GLU C 300 18.02 33.74 -24.15
N GLU C 301 18.36 32.46 -24.09
CA GLU C 301 18.68 31.76 -22.84
C GLU C 301 20.00 32.26 -22.25
N PRO C 302 20.09 32.53 -20.93
CA PRO C 302 21.30 33.09 -20.33
C PRO C 302 22.42 32.07 -20.26
N ALA C 303 23.65 32.49 -20.55
CA ALA C 303 24.82 31.67 -20.29
C ALA C 303 25.10 31.56 -18.78
N LEU C 304 25.79 30.51 -18.35
CA LEU C 304 26.28 30.37 -16.97
C LEU C 304 27.55 31.20 -16.80
N ASN C 305 27.41 32.51 -16.63
CA ASN C 305 28.49 33.48 -16.67
C ASN C 305 29.45 33.33 -15.49
N MET C 306 30.74 33.22 -15.75
CA MET C 306 31.81 33.17 -14.74
C MET C 306 32.23 34.59 -14.35
N LEU C 307 31.94 34.99 -13.13
CA LEU C 307 32.15 36.34 -12.61
C LEU C 307 33.56 36.52 -12.03
N ALA C 308 33.99 37.76 -11.82
CA ALA C 308 35.36 38.08 -11.46
C ALA C 308 35.81 37.58 -10.08
N ASP C 309 34.87 37.26 -9.19
CA ASP C 309 35.13 36.71 -7.86
C ASP C 309 35.18 35.16 -7.85
N GLY C 310 35.08 34.51 -9.02
CA GLY C 310 35.18 33.05 -9.18
C GLY C 310 33.85 32.29 -9.16
N ARG C 311 32.73 32.97 -8.96
CA ARG C 311 31.37 32.41 -8.89
C ARG C 311 30.69 32.37 -10.24
N GLN C 312 29.59 31.65 -10.36
CA GLN C 312 28.83 31.55 -11.60
C GLN C 312 27.35 31.86 -11.38
N SER C 313 26.73 32.62 -12.30
CA SER C 313 25.30 32.94 -12.28
C SER C 313 24.68 32.78 -13.66
N LYS C 314 23.55 32.07 -13.77
CA LYS C 314 22.84 31.85 -15.04
C LYS C 314 21.83 32.97 -15.32
N CYS C 315 22.34 34.19 -15.44
CA CYS C 315 21.58 35.41 -15.60
C CYS C 315 22.28 36.41 -16.54
N HIS C 316 21.52 37.13 -17.36
CA HIS C 316 22.04 38.19 -18.22
C HIS C 316 22.52 39.42 -17.44
N TYR C 317 22.00 39.63 -16.24
CA TYR C 317 22.27 40.81 -15.42
C TYR C 317 22.55 40.40 -13.96
N PRO C 318 23.69 39.73 -13.68
CA PRO C 318 23.99 39.21 -12.36
C PRO C 318 23.87 40.26 -11.28
N LEU C 319 23.37 39.90 -10.10
CA LEU C 319 23.11 40.87 -9.06
C LEU C 319 24.39 41.42 -8.45
N ASP C 320 24.51 42.74 -8.33
CA ASP C 320 25.58 43.36 -7.58
C ASP C 320 25.44 43.14 -6.07
N ASP C 321 26.43 43.55 -5.29
CA ASP C 321 26.36 43.37 -3.83
C ASP C 321 25.17 44.13 -3.24
N ALA C 322 24.68 45.18 -3.90
CA ALA C 322 23.53 45.92 -3.42
C ALA C 322 22.20 45.20 -3.69
N GLY C 323 22.22 44.04 -4.33
CA GLY C 323 21.03 43.26 -4.61
C GLY C 323 20.25 43.76 -5.82
N ARG C 324 20.88 44.45 -6.79
CA ARG C 324 20.21 44.94 -7.98
C ARG C 324 20.91 44.44 -9.23
N PRO C 325 20.18 44.22 -10.35
CA PRO C 325 20.76 43.76 -11.59
C PRO C 325 21.84 44.70 -12.13
N THR C 326 22.90 44.15 -12.71
CA THR C 326 23.96 44.94 -13.33
C THR C 326 23.59 45.21 -14.79
N LEU C 327 22.56 46.04 -14.97
CA LEU C 327 22.11 46.40 -16.31
C LEU C 327 23.21 47.15 -17.04
N GLN D 10 -11.01 36.58 31.40
CA GLN D 10 -11.21 35.27 30.98
C GLN D 10 -10.59 34.99 29.63
N PRO D 11 -9.52 34.20 29.55
CA PRO D 11 -8.90 33.91 28.28
C PRO D 11 -9.80 33.17 27.34
N LEU D 12 -9.59 33.28 26.04
CA LEU D 12 -10.44 32.66 25.04
C LEU D 12 -10.52 31.13 25.17
N LEU D 13 -9.43 30.48 25.56
CA LEU D 13 -9.37 29.04 25.78
C LEU D 13 -8.41 28.71 26.95
N GLN D 14 -8.96 28.10 28.00
CA GLN D 14 -8.30 27.58 29.14
C GLN D 14 -8.10 26.09 29.04
N ALA D 15 -6.88 25.61 29.16
CA ALA D 15 -6.59 24.22 29.39
C ALA D 15 -5.98 24.12 30.79
N ILE D 16 -6.52 23.27 31.65
CA ILE D 16 -6.14 22.96 32.97
C ILE D 16 -5.86 21.50 33.14
N ASP D 17 -4.66 21.06 33.30
CA ASP D 17 -4.30 19.75 33.65
C ASP D 17 -4.84 18.73 32.68
N LEU D 18 -4.71 18.95 31.36
CA LEU D 18 -5.13 17.95 30.38
C LEU D 18 -4.24 16.72 30.45
N LYS D 19 -4.85 15.54 30.52
CA LYS D 19 -4.15 14.25 30.50
C LYS D 19 -4.72 13.30 29.46
N LYS D 20 -3.87 12.57 28.74
CA LYS D 20 -4.26 11.48 27.86
C LYS D 20 -3.39 10.26 28.11
N HIS D 21 -4.01 9.29 28.79
CA HIS D 21 -3.30 8.06 29.20
C HIS D 21 -3.93 6.89 28.43
N TYR D 22 -3.48 6.62 27.22
CA TYR D 22 -3.95 5.48 26.43
C TYR D 22 -3.51 4.18 27.09
N PRO D 23 -4.35 3.14 27.25
CA PRO D 23 -3.91 1.86 27.80
C PRO D 23 -3.47 0.89 26.71
N VAL D 24 -2.51 0.00 27.00
CA VAL D 24 -1.96 -0.92 25.96
C VAL D 24 -1.65 -2.32 26.51
N LYS D 25 -1.51 -3.33 25.64
CA LYS D 25 -1.20 -4.73 26.00
C LYS D 25 0.15 -5.16 25.41
N LYS D 26 1.10 -5.63 26.23
CA LYS D 26 2.32 -6.33 25.76
C LYS D 26 2.04 -7.80 25.42
N GLY D 27 1.10 -8.04 24.49
CA GLY D 27 0.50 -9.35 24.23
C GLY D 27 -0.64 -9.69 25.20
N MET D 28 -1.29 -10.84 25.00
CA MET D 28 -2.52 -11.22 25.72
C MET D 28 -2.30 -11.36 27.23
N PHE D 29 -1.24 -12.04 27.65
CA PHE D 29 -1.00 -12.43 29.05
C PHE D 29 -0.46 -11.29 29.92
N ALA D 30 0.14 -10.24 29.35
CA ALA D 30 0.67 -9.12 30.11
C ALA D 30 -0.46 -8.27 30.76
N PRO D 31 -0.22 -7.66 31.91
CA PRO D 31 -1.16 -6.69 32.48
C PRO D 31 -1.23 -5.44 31.61
N GLU D 32 -2.37 -4.74 31.63
CA GLU D 32 -2.55 -3.48 30.93
C GLU D 32 -1.60 -2.41 31.50
N ARG D 33 -0.99 -1.60 30.63
CA ARG D 33 -0.10 -0.51 31.05
C ARG D 33 -0.46 0.79 30.34
N LEU D 34 -0.38 1.90 31.04
CA LEU D 34 -0.69 3.21 30.48
C LEU D 34 0.51 3.77 29.71
N VAL D 35 0.33 4.13 28.45
CA VAL D 35 1.20 5.09 27.79
C VAL D 35 0.68 6.49 28.07
N LYS D 36 1.39 7.23 28.92
CA LYS D 36 1.07 8.59 29.33
C LYS D 36 1.46 9.59 28.23
N ALA D 37 0.75 9.54 27.10
CA ALA D 37 1.07 10.31 25.90
C ALA D 37 1.00 11.83 26.11
N LEU D 38 0.12 12.29 27.01
CA LEU D 38 0.09 13.65 27.51
C LEU D 38 -0.17 13.64 29.01
N ASP D 39 0.55 14.45 29.76
CA ASP D 39 0.33 14.65 31.19
C ASP D 39 0.51 16.12 31.56
N GLY D 40 -0.49 16.73 32.20
CA GLY D 40 -0.31 17.96 32.95
C GLY D 40 -0.04 19.22 32.15
N VAL D 41 -0.36 19.27 30.85
CA VAL D 41 -0.33 20.55 30.13
C VAL D 41 -1.45 21.48 30.59
N SER D 42 -1.14 22.77 30.67
CA SER D 42 -2.10 23.82 30.97
C SER D 42 -1.66 25.11 30.27
N PHE D 43 -2.61 25.90 29.77
CA PHE D 43 -2.34 27.20 29.15
C PHE D 43 -3.56 28.12 29.12
N ASN D 44 -3.31 29.42 29.02
CA ASN D 44 -4.29 30.44 28.68
C ASN D 44 -4.00 30.94 27.25
N LEU D 45 -4.96 30.86 26.35
CA LEU D 45 -4.90 31.48 25.01
C LEU D 45 -5.84 32.69 24.95
N GLU D 46 -5.39 33.84 24.44
CA GLU D 46 -6.19 35.06 24.33
C GLU D 46 -6.43 35.45 22.86
N ARG D 47 -7.51 36.19 22.58
CA ARG D 47 -7.95 36.47 21.21
C ARG D 47 -6.94 37.34 20.45
N GLY D 48 -6.55 36.92 19.26
CA GLY D 48 -5.60 37.64 18.40
C GLY D 48 -4.14 37.23 18.56
N LYS D 49 -3.83 36.07 19.16
CA LYS D 49 -2.47 35.61 19.47
C LYS D 49 -2.19 34.18 18.97
N THR D 50 -0.93 33.86 18.71
CA THR D 50 -0.47 32.50 18.43
C THR D 50 0.29 31.93 19.62
N LEU D 51 -0.16 30.79 20.13
CA LEU D 51 0.59 29.96 21.07
C LEU D 51 1.22 28.82 20.30
N ALA D 52 2.53 28.65 20.37
CA ALA D 52 3.24 27.60 19.65
C ALA D 52 3.60 26.44 20.58
N VAL D 53 3.41 25.22 20.10
CA VAL D 53 3.84 23.99 20.77
C VAL D 53 4.96 23.38 19.92
N VAL D 54 6.12 23.26 20.55
CA VAL D 54 7.35 22.75 19.94
C VAL D 54 7.90 21.58 20.72
N GLY D 55 8.46 20.63 19.98
CA GLY D 55 9.06 19.44 20.50
C GLY D 55 9.30 18.43 19.39
N GLU D 56 10.22 17.51 19.60
CA GLU D 56 10.51 16.42 18.67
C GLU D 56 9.41 15.34 18.70
N SER D 57 9.55 14.32 17.86
CA SER D 57 8.55 13.26 17.72
C SER D 57 8.28 12.53 19.04
N GLY D 58 7.02 12.17 19.29
CA GLY D 58 6.62 11.48 20.51
C GLY D 58 6.53 12.35 21.77
N CYS D 59 6.57 13.68 21.66
CA CYS D 59 6.45 14.58 22.82
C CYS D 59 5.00 14.87 23.25
N GLY D 60 3.99 14.34 22.56
CA GLY D 60 2.57 14.52 22.87
C GLY D 60 1.91 15.70 22.16
N LYS D 61 2.66 16.50 21.42
CA LYS D 61 2.22 17.74 20.75
C LYS D 61 1.04 17.57 19.81
N SER D 62 0.83 16.38 19.23
CA SER D 62 -0.30 16.10 18.35
C SER D 62 -1.34 15.21 19.01
N THR D 63 -1.17 14.72 20.25
CA THR D 63 -2.32 14.30 21.08
C THR D 63 -3.01 15.51 21.67
N LEU D 64 -2.25 16.50 22.12
CA LEU D 64 -2.73 17.87 22.21
C LEU D 64 -3.14 18.35 20.81
N GLY D 65 -3.99 19.37 20.70
CA GLY D 65 -4.65 19.68 19.43
C GLY D 65 -5.82 18.72 19.14
N ARG D 66 -5.59 17.41 19.10
CA ARG D 66 -6.68 16.41 19.01
C ARG D 66 -7.61 16.49 20.22
N LEU D 67 -7.09 16.69 21.43
CA LEU D 67 -7.92 16.99 22.59
C LEU D 67 -8.66 18.33 22.43
N LEU D 68 -7.98 19.37 21.93
CA LEU D 68 -8.54 20.73 21.86
C LEU D 68 -9.69 20.84 20.84
N THR D 69 -9.68 20.00 19.80
CA THR D 69 -10.73 19.87 18.79
C THR D 69 -11.67 18.70 19.04
N MET D 70 -11.48 17.98 20.14
CA MET D 70 -12.28 16.81 20.55
C MET D 70 -12.39 15.71 19.49
N ILE D 71 -11.34 15.53 18.67
CA ILE D 71 -11.13 14.30 17.90
C ILE D 71 -11.02 13.11 18.87
N GLU D 72 -10.40 13.33 20.03
CA GLU D 72 -10.25 12.37 21.12
C GLU D 72 -10.62 13.03 22.46
N MET D 73 -11.37 12.34 23.30
CA MET D 73 -11.75 12.87 24.60
C MET D 73 -10.61 12.73 25.62
N PRO D 74 -10.33 13.74 26.47
CA PRO D 74 -9.28 13.65 27.47
C PRO D 74 -9.62 12.70 28.61
N THR D 75 -8.60 12.17 29.28
CA THR D 75 -8.73 11.29 30.45
C THR D 75 -8.46 12.03 31.75
N GLY D 76 -8.87 13.29 31.82
CA GLY D 76 -8.67 14.17 32.95
C GLY D 76 -8.34 15.59 32.51
N GLY D 77 -8.64 16.56 33.36
CA GLY D 77 -8.44 17.99 33.09
C GLY D 77 -9.73 18.74 32.75
N GLU D 78 -9.58 20.03 32.47
CA GLU D 78 -10.68 20.97 32.21
C GLU D 78 -10.35 21.84 31.00
N LEU D 79 -11.33 22.12 30.13
CA LEU D 79 -11.12 22.83 28.86
C LEU D 79 -12.23 23.84 28.63
N TYR D 80 -12.02 25.09 29.02
CA TYR D 80 -13.05 26.14 29.02
C TYR D 80 -12.90 27.11 27.85
N TYR D 81 -13.97 27.28 27.06
CA TYR D 81 -14.13 28.46 26.21
C TYR D 81 -14.93 29.51 26.99
N GLN D 82 -14.29 30.58 27.44
CA GLN D 82 -14.88 31.72 28.02
C GLN D 82 -15.80 31.36 29.16
N GLY D 83 -15.39 30.50 30.03
CA GLY D 83 -16.08 30.02 31.11
C GLY D 83 -17.04 28.92 30.98
N GLN D 84 -17.22 28.41 29.76
CA GLN D 84 -18.08 27.26 29.47
C GLN D 84 -17.21 26.02 29.23
N ASP D 85 -17.44 24.96 29.99
CA ASP D 85 -16.66 23.73 29.91
C ASP D 85 -17.01 22.91 28.67
N LEU D 86 -16.08 22.79 27.73
CA LEU D 86 -16.33 22.08 26.49
C LEU D 86 -16.39 20.56 26.65
N LEU D 87 -15.91 20.03 27.77
CA LEU D 87 -15.85 18.59 28.01
C LEU D 87 -17.19 18.00 28.47
N LYS D 88 -18.22 18.81 28.73
CA LYS D 88 -19.58 18.30 28.87
C LYS D 88 -20.06 17.68 27.56
N HIS D 89 -20.85 16.62 27.68
CA HIS D 89 -21.48 15.90 26.56
C HIS D 89 -22.77 16.57 26.05
N ASP D 90 -23.29 17.56 26.77
CA ASP D 90 -24.54 18.27 26.46
C ASP D 90 -24.56 18.87 25.03
N PRO D 91 -25.56 18.56 24.18
CA PRO D 91 -25.69 19.14 22.84
C PRO D 91 -25.62 20.68 22.79
N GLN D 92 -26.08 21.36 23.83
CA GLN D 92 -26.00 22.83 23.96
C GLN D 92 -24.56 23.33 23.95
N ALA D 93 -23.61 22.57 24.51
CA ALA D 93 -22.18 22.83 24.44
C ALA D 93 -21.55 22.29 23.15
N GLN D 94 -22.03 21.16 22.61
CA GLN D 94 -21.50 20.58 21.37
C GLN D 94 -21.56 21.53 20.18
N LYS D 95 -22.66 22.28 19.98
CA LYS D 95 -22.77 23.29 18.91
C LYS D 95 -21.67 24.36 19.00
N LEU D 96 -21.45 24.92 20.19
CA LEU D 96 -20.42 25.93 20.45
C LEU D 96 -19.02 25.44 20.09
N ARG D 97 -18.56 24.32 20.64
CA ARG D 97 -17.22 23.80 20.32
C ARG D 97 -17.06 23.46 18.85
N ARG D 98 -18.12 23.05 18.17
CA ARG D 98 -18.09 22.70 16.75
C ARG D 98 -17.92 23.92 15.82
N GLN D 99 -18.39 25.09 16.26
CA GLN D 99 -18.28 26.36 15.54
C GLN D 99 -16.97 27.11 15.81
N LYS D 100 -16.53 27.17 17.08
CA LYS D 100 -15.54 28.06 17.55
C LYS D 100 -14.13 27.57 17.40
N ILE D 101 -13.89 26.27 17.53
CA ILE D 101 -12.57 25.65 17.48
C ILE D 101 -12.48 24.69 16.29
N GLN D 102 -11.51 24.88 15.41
CA GLN D 102 -11.36 24.14 14.14
C GLN D 102 -9.90 23.70 13.95
N ILE D 103 -9.64 22.79 13.02
CA ILE D 103 -8.32 22.18 12.80
C ILE D 103 -7.89 22.24 11.34
N VAL D 104 -6.61 22.51 11.11
CA VAL D 104 -5.91 22.25 9.86
C VAL D 104 -4.84 21.18 10.09
N PHE D 105 -4.92 20.11 9.30
CA PHE D 105 -4.13 18.89 9.48
C PHE D 105 -2.75 18.99 8.81
N GLN D 106 -1.84 18.07 9.15
CA GLN D 106 -0.46 18.08 8.64
C GLN D 106 -0.37 17.80 7.15
N ASN D 107 -1.19 16.87 6.64
CA ASN D 107 -1.03 16.33 5.31
C ASN D 107 -2.07 16.94 4.35
N PRO D 108 -1.65 17.72 3.33
CA PRO D 108 -2.60 18.32 2.38
C PRO D 108 -3.19 17.29 1.41
N TYR D 109 -2.58 16.11 1.26
CA TYR D 109 -3.03 15.07 0.36
C TYR D 109 -4.06 14.13 0.98
N GLY D 110 -4.10 14.00 2.31
CA GLY D 110 -5.00 13.10 3.03
C GLY D 110 -6.16 13.76 3.76
N SER D 111 -6.16 15.09 3.92
CA SER D 111 -7.16 15.84 4.68
C SER D 111 -8.31 16.41 3.86
N LEU D 112 -8.30 16.25 2.54
CA LEU D 112 -9.37 16.57 1.61
C LEU D 112 -9.93 15.29 1.00
N ASN D 113 -11.25 15.17 0.86
CA ASN D 113 -11.90 14.01 0.27
C ASN D 113 -11.64 13.97 -1.25
N PRO D 114 -10.93 12.97 -1.79
CA PRO D 114 -10.48 13.03 -3.17
C PRO D 114 -11.57 12.80 -4.21
N ARG D 115 -12.80 12.50 -3.79
CA ARG D 115 -13.96 12.32 -4.68
C ARG D 115 -15.06 13.36 -4.46
N LYS D 116 -14.71 14.54 -3.94
CA LYS D 116 -15.61 15.70 -3.82
C LYS D 116 -15.00 16.95 -4.41
N LYS D 117 -15.84 17.78 -5.01
CA LYS D 117 -15.45 19.06 -5.61
C LYS D 117 -15.12 20.07 -4.52
N VAL D 118 -14.27 21.06 -4.78
CA VAL D 118 -13.89 22.04 -3.74
C VAL D 118 -15.10 22.78 -3.19
N GLY D 119 -16.10 23.10 -4.01
CA GLY D 119 -17.36 23.62 -3.51
C GLY D 119 -18.02 22.72 -2.47
N GLN D 120 -18.08 21.40 -2.69
CA GLN D 120 -18.65 20.47 -1.72
C GLN D 120 -17.81 20.35 -0.44
N ILE D 121 -16.48 20.39 -0.55
CA ILE D 121 -15.57 20.34 0.60
C ILE D 121 -15.82 21.55 1.52
N LEU D 122 -16.14 22.70 0.96
CA LEU D 122 -16.46 23.92 1.69
C LEU D 122 -17.94 24.03 2.11
N GLU D 123 -18.90 23.53 1.35
CA GLU D 123 -20.32 23.54 1.72
C GLU D 123 -20.67 22.53 2.82
N GLU D 124 -19.93 21.43 2.97
CA GLU D 124 -20.24 20.36 3.93
C GLU D 124 -20.38 20.87 5.38
N PRO D 125 -19.45 21.66 5.96
CA PRO D 125 -19.65 22.31 7.24
C PRO D 125 -20.92 23.13 7.36
N LEU D 126 -21.40 23.79 6.30
CA LEU D 126 -22.60 24.61 6.35
C LEU D 126 -23.89 23.79 6.25
N LEU D 127 -23.91 22.69 5.50
CA LEU D 127 -25.04 21.74 5.47
C LEU D 127 -25.33 21.17 6.86
N ILE D 128 -24.28 20.76 7.56
CA ILE D 128 -24.37 20.04 8.82
C ILE D 128 -24.80 20.94 9.98
N ASN D 129 -24.38 22.22 9.99
CA ASN D 129 -24.49 23.09 11.16
C ASN D 129 -25.41 24.31 11.02
N THR D 130 -25.96 24.62 9.85
CA THR D 130 -26.63 25.91 9.61
C THR D 130 -27.98 25.78 8.90
N SER D 131 -28.80 26.84 8.98
CA SER D 131 -30.11 26.93 8.32
C SER D 131 -30.05 27.30 6.83
N LEU D 132 -28.86 27.60 6.31
CA LEU D 132 -28.66 28.28 5.03
C LEU D 132 -29.18 27.46 3.84
N SER D 133 -29.90 28.12 2.93
CA SER D 133 -30.29 27.57 1.62
C SER D 133 -29.09 27.48 0.65
N LYS D 134 -29.18 26.63 -0.37
CA LYS D 134 -28.09 26.36 -1.32
C LYS D 134 -27.53 27.63 -1.96
N GLU D 135 -28.42 28.55 -2.29
CA GLU D 135 -28.10 29.84 -2.91
C GLU D 135 -27.19 30.68 -2.01
N GLN D 136 -27.42 30.69 -0.69
CA GLN D 136 -26.60 31.41 0.27
C GLN D 136 -25.28 30.70 0.59
N ARG D 137 -25.32 29.38 0.66
CA ARG D 137 -24.18 28.53 1.00
C ARG D 137 -23.03 28.69 0.01
N ARG D 138 -23.34 28.73 -1.28
CA ARG D 138 -22.40 28.98 -2.39
C ARG D 138 -21.71 30.33 -2.29
N GLU D 139 -22.42 31.40 -1.92
CA GLU D 139 -21.81 32.72 -1.76
C GLU D 139 -20.82 32.78 -0.58
N LYS D 140 -21.07 32.07 0.53
CA LYS D 140 -20.06 31.91 1.59
C LYS D 140 -18.85 31.16 1.09
N ALA D 141 -19.01 30.07 0.35
CA ALA D 141 -17.89 29.30 -0.16
C ALA D 141 -17.06 30.11 -1.17
N LEU D 142 -17.69 30.81 -2.11
CA LEU D 142 -17.00 31.68 -3.07
C LEU D 142 -16.26 32.82 -2.38
N SER D 143 -16.88 33.48 -1.41
CA SER D 143 -16.22 34.55 -0.66
C SER D 143 -15.07 34.04 0.18
N MET D 144 -15.12 32.82 0.70
CA MET D 144 -14.01 32.25 1.46
C MET D 144 -12.85 31.82 0.56
N MET D 145 -13.13 31.25 -0.62
CA MET D 145 -12.08 30.98 -1.61
C MET D 145 -11.36 32.25 -2.01
N ALA D 146 -12.10 33.34 -2.22
CA ALA D 146 -11.57 34.63 -2.46
C ALA D 146 -10.64 35.06 -1.37
N LYS D 147 -11.02 34.86 -0.11
CA LYS D 147 -10.24 35.29 1.06
C LYS D 147 -8.90 34.55 1.22
N VAL D 148 -8.85 33.27 0.84
CA VAL D 148 -7.61 32.47 0.82
C VAL D 148 -6.83 32.55 -0.49
N GLY D 149 -7.31 33.26 -1.51
CA GLY D 149 -6.60 33.51 -2.76
C GLY D 149 -6.82 32.51 -3.89
N LEU D 150 -7.85 31.66 -3.81
CA LEU D 150 -8.32 30.85 -4.94
C LEU D 150 -9.36 31.61 -5.79
N LYS D 151 -9.55 31.12 -7.01
CA LYS D 151 -10.35 31.64 -8.05
C LYS D 151 -11.74 31.05 -8.09
N THR D 152 -12.71 31.77 -8.65
CA THR D 152 -14.11 31.30 -8.74
C THR D 152 -14.27 30.04 -9.60
N GLU D 153 -13.44 29.88 -10.63
CA GLU D 153 -13.42 28.77 -11.51
C GLU D 153 -12.97 27.50 -10.86
N HIS D 154 -12.26 27.59 -9.72
CA HIS D 154 -11.81 26.43 -8.96
C HIS D 154 -12.96 25.71 -8.28
N TYR D 155 -14.17 26.28 -8.21
CA TYR D 155 -15.24 25.71 -7.39
C TYR D 155 -15.60 24.27 -7.77
N ASP D 156 -15.56 23.97 -9.06
CA ASP D 156 -15.96 22.68 -9.62
C ASP D 156 -14.85 21.63 -9.69
N ARG D 157 -13.59 21.98 -9.43
CA ARG D 157 -12.47 21.13 -9.55
C ARG D 157 -12.33 20.17 -8.39
N TYR D 158 -11.76 19.02 -8.64
CA TYR D 158 -11.42 18.01 -7.63
C TYR D 158 -10.09 18.36 -6.98
N PRO D 159 -9.79 17.94 -5.75
CA PRO D 159 -8.56 18.31 -5.07
C PRO D 159 -7.28 17.78 -5.74
N HIS D 160 -7.34 16.70 -6.53
CA HIS D 160 -6.18 16.22 -7.29
C HIS D 160 -5.74 17.16 -8.43
N MET D 161 -6.55 18.15 -8.77
CA MET D 161 -6.23 19.18 -9.77
C MET D 161 -5.43 20.37 -9.21
N PHE D 162 -5.05 20.34 -7.93
CA PHE D 162 -4.38 21.44 -7.21
C PHE D 162 -3.00 21.06 -6.69
N SER D 163 -2.08 22.03 -6.62
CA SER D 163 -0.77 21.85 -6.00
C SER D 163 -0.88 21.70 -4.49
N GLY D 164 0.16 21.19 -3.82
CA GLY D 164 0.17 21.00 -2.36
C GLY D 164 -0.12 22.28 -1.58
N GLY D 165 0.37 23.42 -2.06
CA GLY D 165 0.11 24.74 -1.48
C GLY D 165 -1.36 25.13 -1.58
N GLN D 166 -1.96 24.97 -2.76
CA GLN D 166 -3.38 25.25 -2.97
C GLN D 166 -4.27 24.31 -2.16
N ARG D 167 -3.90 23.03 -2.01
CA ARG D 167 -4.63 22.11 -1.12
C ARG D 167 -4.62 22.57 0.34
N GLN D 168 -3.52 23.11 0.83
CA GLN D 168 -3.51 23.67 2.17
C GLN D 168 -4.37 24.93 2.28
N ARG D 169 -4.48 25.76 1.25
CA ARG D 169 -5.44 26.87 1.22
C ARG D 169 -6.90 26.40 1.28
N ILE D 170 -7.26 25.30 0.61
CA ILE D 170 -8.61 24.72 0.72
C ILE D 170 -8.86 24.22 2.15
N ALA D 171 -7.91 23.53 2.77
CA ALA D 171 -8.06 23.06 4.15
C ALA D 171 -8.25 24.21 5.15
N ILE D 172 -7.53 25.32 4.98
CA ILE D 172 -7.71 26.54 5.77
C ILE D 172 -9.11 27.12 5.53
N ALA D 173 -9.57 27.22 4.28
CA ALA D 173 -10.89 27.76 3.98
C ALA D 173 -12.01 26.91 4.59
N ARG D 174 -11.90 25.58 4.58
CA ARG D 174 -12.86 24.71 5.27
C ARG D 174 -12.87 24.97 6.77
N GLY D 175 -11.70 25.13 7.39
CA GLY D 175 -11.59 25.50 8.79
C GLY D 175 -12.32 26.80 9.09
N LEU D 176 -12.03 27.86 8.33
CA LEU D 176 -12.60 29.19 8.50
C LEU D 176 -14.10 29.27 8.22
N MET D 177 -14.71 28.23 7.67
CA MET D 177 -16.04 28.29 7.07
C MET D 177 -17.16 28.66 8.02
N LEU D 178 -17.07 28.22 9.28
CA LEU D 178 -18.03 28.55 10.34
C LEU D 178 -17.66 29.83 11.12
N ASP D 179 -16.66 30.59 10.66
CA ASP D 179 -16.15 31.79 11.34
C ASP D 179 -15.69 31.50 12.79
N PRO D 180 -14.64 30.68 12.98
CA PRO D 180 -14.14 30.28 14.28
C PRO D 180 -13.43 31.40 15.04
N ASP D 181 -13.06 31.16 16.30
CA ASP D 181 -12.10 31.98 17.04
C ASP D 181 -10.75 31.31 17.23
N VAL D 182 -10.68 29.98 17.33
CA VAL D 182 -9.42 29.22 17.48
C VAL D 182 -9.20 28.28 16.32
N VAL D 183 -8.03 28.34 15.69
CA VAL D 183 -7.59 27.33 14.72
C VAL D 183 -6.38 26.57 15.24
N ILE D 184 -6.53 25.27 15.41
CA ILE D 184 -5.42 24.36 15.71
C ILE D 184 -4.69 24.06 14.40
N ALA D 185 -3.37 24.16 14.38
CA ALA D 185 -2.59 23.94 13.18
C ALA D 185 -1.50 22.90 13.41
N ASP D 186 -1.76 21.67 12.98
CA ASP D 186 -0.91 20.51 13.23
C ASP D 186 0.21 20.43 12.17
N GLN D 187 1.34 21.09 12.40
CA GLN D 187 2.54 21.08 11.55
C GLN D 187 2.26 21.50 10.10
N PRO D 188 1.54 22.62 9.86
CA PRO D 188 0.76 22.87 8.65
C PRO D 188 1.55 23.16 7.37
N VAL D 189 2.81 23.61 7.50
CA VAL D 189 3.67 24.01 6.38
C VAL D 189 4.94 23.15 6.26
N SER D 190 4.97 22.00 6.95
CA SER D 190 6.11 21.09 7.02
C SER D 190 6.40 20.37 5.70
N ALA D 191 5.36 20.00 4.95
CA ALA D 191 5.48 19.25 3.69
C ALA D 191 5.78 20.15 2.47
N LEU D 192 5.68 21.47 2.62
CA LEU D 192 5.70 22.45 1.53
C LEU D 192 7.12 22.95 1.23
N ASP D 193 7.36 23.32 -0.03
CA ASP D 193 8.57 24.00 -0.47
C ASP D 193 8.64 25.45 0.01
N VAL D 194 9.84 26.03 0.07
CA VAL D 194 10.12 27.34 0.66
C VAL D 194 9.23 28.46 0.11
N SER D 195 9.09 28.61 -1.20
CA SER D 195 8.34 29.72 -1.77
C SER D 195 6.82 29.58 -1.58
N VAL D 196 6.28 28.37 -1.43
CA VAL D 196 4.85 28.17 -1.12
C VAL D 196 4.57 28.17 0.38
N ARG D 197 5.52 27.73 1.20
CA ARG D 197 5.52 27.91 2.66
C ARG D 197 5.38 29.37 3.03
N ALA D 198 6.14 30.26 2.40
CA ALA D 198 6.06 31.70 2.66
C ALA D 198 4.65 32.26 2.39
N GLN D 199 4.01 31.84 1.30
CA GLN D 199 2.66 32.30 0.94
C GLN D 199 1.59 31.79 1.91
N VAL D 200 1.66 30.53 2.35
CA VAL D 200 0.73 30.00 3.36
C VAL D 200 0.93 30.67 4.73
N LEU D 201 2.16 30.95 5.15
CA LEU D 201 2.41 31.72 6.39
C LEU D 201 1.87 33.16 6.28
N ASN D 202 2.14 33.86 5.18
CA ASN D 202 1.58 35.20 4.95
C ASN D 202 0.06 35.19 5.02
N LEU D 203 -0.60 34.23 4.37
CA LEU D 203 -2.05 34.08 4.42
C LEU D 203 -2.53 33.90 5.85
N MET D 204 -1.94 32.98 6.62
CA MET D 204 -2.41 32.75 7.99
C MET D 204 -2.28 33.97 8.88
N MET D 205 -1.25 34.80 8.69
CA MET D 205 -1.09 36.03 9.47
C MET D 205 -2.04 37.14 9.01
N ASP D 206 -2.36 37.22 7.72
CA ASP D 206 -3.38 38.14 7.23
C ASP D 206 -4.78 37.79 7.75
N LEU D 207 -5.14 36.50 7.81
CA LEU D 207 -6.40 36.06 8.42
C LEU D 207 -6.45 36.40 9.92
N GLN D 208 -5.36 36.29 10.66
CA GLN D 208 -5.32 36.71 12.06
C GLN D 208 -5.51 38.22 12.23
N GLN D 209 -5.04 39.04 11.29
CA GLN D 209 -5.26 40.49 11.32
C GLN D 209 -6.71 40.88 10.96
N GLU D 210 -7.36 40.17 10.03
CA GLU D 210 -8.74 40.47 9.61
C GLU D 210 -9.82 39.85 10.53
N LEU D 211 -9.78 38.53 10.77
CA LEU D 211 -10.78 37.81 11.58
C LEU D 211 -10.53 37.93 13.09
N GLY D 212 -9.28 38.14 13.52
CA GLY D 212 -8.87 38.12 14.92
C GLY D 212 -8.71 36.73 15.53
N LEU D 213 -8.48 35.69 14.72
CA LEU D 213 -8.24 34.33 15.17
C LEU D 213 -7.10 34.24 16.18
N SER D 214 -7.12 33.21 17.02
CA SER D 214 -5.97 32.72 17.74
C SER D 214 -5.55 31.36 17.21
N TYR D 215 -4.25 31.13 17.05
CA TYR D 215 -3.74 29.84 16.63
C TYR D 215 -3.11 29.08 17.79
N VAL D 216 -3.37 27.79 17.88
CA VAL D 216 -2.46 26.86 18.57
C VAL D 216 -1.65 26.16 17.48
N PHE D 217 -0.39 26.53 17.33
CA PHE D 217 0.45 26.14 16.21
C PHE D 217 1.45 25.09 16.65
N ILE D 218 1.40 23.89 16.08
CA ILE D 218 2.24 22.76 16.50
C ILE D 218 3.34 22.59 15.45
N SER D 219 4.62 22.59 15.84
CA SER D 219 5.72 22.61 14.87
C SER D 219 7.02 21.96 15.37
N HIS D 220 7.72 21.23 14.50
CA HIS D 220 9.12 20.84 14.72
C HIS D 220 10.13 21.89 14.22
N ASP D 221 9.74 22.83 13.36
CA ASP D 221 10.62 23.89 12.86
C ASP D 221 10.53 25.14 13.74
N LEU D 222 11.62 25.44 14.43
CA LEU D 222 11.72 26.55 15.37
C LEU D 222 11.81 27.91 14.66
N SER D 223 12.30 27.97 13.41
CA SER D 223 12.36 29.17 12.64
C SER D 223 11.00 29.77 12.43
N VAL D 224 10.04 28.96 11.97
CA VAL D 224 8.67 29.38 11.71
C VAL D 224 8.00 29.85 13.00
N VAL D 225 8.23 29.15 14.12
CA VAL D 225 7.72 29.55 15.43
C VAL D 225 8.30 30.89 15.87
N GLU D 226 9.60 31.10 15.71
CA GLU D 226 10.28 32.30 15.94
C GLU D 226 9.71 33.43 15.14
N HIS D 227 9.23 33.19 13.97
CA HIS D 227 8.63 34.09 13.06
C HIS D 227 7.24 34.52 13.46
N ILE D 228 6.35 33.56 13.76
CA ILE D 228 4.90 33.81 13.89
C ILE D 228 4.38 33.84 15.33
N ALA D 229 5.04 33.16 16.28
CA ALA D 229 4.49 32.92 17.60
C ALA D 229 4.55 34.15 18.51
N ASP D 230 3.73 34.12 19.55
CA ASP D 230 3.69 35.12 20.64
C ASP D 230 4.08 34.52 22.00
N GLU D 231 3.52 33.36 22.34
CA GLU D 231 3.98 32.49 23.44
C GLU D 231 4.39 31.12 22.91
N VAL D 232 5.36 30.48 23.56
CA VAL D 232 5.85 29.16 23.18
C VAL D 232 5.81 28.21 24.38
N MET D 233 5.29 27.00 24.18
CA MET D 233 5.39 25.84 25.04
C MET D 233 6.36 24.84 24.44
N VAL D 234 7.40 24.48 25.17
CA VAL D 234 8.34 23.43 24.81
C VAL D 234 7.94 22.18 25.57
N MET D 235 7.84 21.04 24.89
CA MET D 235 7.35 19.79 25.51
C MET D 235 8.35 18.64 25.37
N TYR D 236 8.40 17.79 26.39
CA TYR D 236 9.19 16.57 26.36
C TYR D 236 8.45 15.42 27.04
N LEU D 237 8.35 14.27 26.37
CA LEU D 237 7.69 13.05 26.85
C LEU D 237 6.31 13.29 27.49
N GLY D 238 5.49 14.13 26.86
CA GLY D 238 4.10 14.37 27.24
C GLY D 238 3.87 15.47 28.27
N ARG D 239 4.93 16.06 28.83
CA ARG D 239 4.88 17.16 29.81
C ARG D 239 5.50 18.42 29.24
N CYS D 240 4.94 19.58 29.56
CA CYS D 240 5.58 20.85 29.28
C CYS D 240 6.87 20.98 30.11
N VAL D 241 7.96 21.41 29.50
CA VAL D 241 9.23 21.65 30.19
C VAL D 241 9.50 23.14 30.42
N GLU D 242 9.04 24.01 29.52
CA GLU D 242 9.25 25.45 29.60
C GLU D 242 8.18 26.21 28.81
N LYS D 243 7.62 27.30 29.36
CA LYS D 243 6.63 28.17 28.72
C LYS D 243 6.97 29.63 28.93
N GLY D 244 6.88 30.45 27.89
CA GLY D 244 7.14 31.88 28.02
C GLY D 244 6.84 32.65 26.75
N THR D 245 7.04 33.96 26.78
CA THR D 245 6.95 34.78 25.58
C THR D 245 8.03 34.39 24.58
N LYS D 246 7.79 34.60 23.29
CA LYS D 246 8.76 34.32 22.22
C LYS D 246 10.13 34.97 22.51
N ASP D 247 10.12 36.22 22.98
CA ASP D 247 11.32 36.98 23.28
C ASP D 247 12.21 36.30 24.32
N GLN D 248 11.62 35.75 25.39
CA GLN D 248 12.35 35.04 26.43
C GLN D 248 12.87 33.70 25.91
N ILE D 249 12.02 32.89 25.28
CA ILE D 249 12.39 31.52 24.91
C ILE D 249 13.55 31.49 23.92
N PHE D 250 13.60 32.40 22.95
CA PHE D 250 14.68 32.44 21.96
C PHE D 250 15.90 33.31 22.34
N ASN D 251 15.88 34.05 23.45
CA ASN D 251 17.03 34.84 23.90
C ASN D 251 17.61 34.40 25.26
N ASN D 252 16.80 33.89 26.19
CA ASN D 252 17.22 33.34 27.48
C ASN D 252 16.54 31.98 27.77
N PRO D 253 16.72 30.94 26.96
CA PRO D 253 16.18 29.62 27.25
C PRO D 253 16.82 29.06 28.52
N ARG D 254 16.02 28.69 29.52
CA ARG D 254 16.52 28.19 30.79
C ARG D 254 16.63 26.66 30.82
N HIS D 255 15.72 25.94 30.20
CA HIS D 255 15.71 24.47 30.29
C HIS D 255 16.75 23.84 29.37
N PRO D 256 17.56 22.87 29.86
CA PRO D 256 18.53 22.17 29.03
C PRO D 256 18.00 21.58 27.71
N TYR D 257 16.75 21.13 27.63
CA TYR D 257 16.19 20.65 26.37
C TYR D 257 15.90 21.80 25.39
N THR D 258 15.40 22.94 25.88
CA THR D 258 15.20 24.12 25.04
C THR D 258 16.53 24.60 24.50
N GLN D 259 17.58 24.65 25.32
CA GLN D 259 18.92 25.00 24.89
C GLN D 259 19.46 24.04 23.82
N ALA D 260 19.17 22.75 23.93
CA ALA D 260 19.52 21.77 22.91
C ALA D 260 18.74 21.95 21.60
N LEU D 261 17.42 22.17 21.63
CA LEU D 261 16.65 22.43 20.41
C LEU D 261 17.16 23.67 19.67
N LEU D 262 17.34 24.77 20.40
CA LEU D 262 17.73 26.05 19.82
C LEU D 262 19.18 26.06 19.31
N SER D 263 19.98 25.04 19.64
CA SER D 263 21.33 24.86 19.08
C SER D 263 21.41 23.79 17.99
N ALA D 264 20.61 22.72 18.06
CA ALA D 264 20.51 21.73 16.99
C ALA D 264 19.81 22.28 15.74
N THR D 265 18.98 23.32 15.89
CA THR D 265 18.35 24.03 14.77
C THR D 265 19.41 24.77 13.94
N PRO D 266 19.51 24.53 12.62
CA PRO D 266 20.51 25.18 11.77
C PRO D 266 20.12 26.63 11.46
N ARG D 267 21.11 27.51 11.20
CA ARG D 267 20.92 28.94 10.91
C ARG D 267 21.86 29.43 9.82
N LEU D 268 21.42 30.35 8.97
CA LEU D 268 22.21 30.87 7.85
C LEU D 268 23.34 31.80 8.31
N ASN D 269 23.00 32.89 8.99
CA ASN D 269 23.91 33.98 9.29
C ASN D 269 25.04 33.54 10.26
N PRO D 270 26.33 33.69 9.91
CA PRO D 270 27.44 33.40 10.83
C PRO D 270 27.35 34.13 12.19
N ASP D 271 26.76 35.33 12.23
CA ASP D 271 26.59 36.09 13.47
C ASP D 271 25.45 35.55 14.34
N ASP D 272 24.58 34.69 13.81
CA ASP D 272 23.45 34.10 14.53
C ASP D 272 23.72 32.67 15.03
N ARG D 273 24.98 32.21 14.90
CA ARG D 273 25.43 30.94 15.50
C ARG D 273 25.39 31.01 17.03
N ARG D 274 25.26 29.85 17.66
CA ARG D 274 25.09 29.63 19.11
C ARG D 274 26.00 28.49 19.57
N GLU D 275 26.26 28.37 20.87
CA GLU D 275 27.05 27.29 21.47
C GLU D 275 26.51 25.91 21.07
N ARG D 276 27.38 25.00 20.60
CA ARG D 276 27.00 23.63 20.22
C ARG D 276 26.71 22.80 21.48
N ILE D 277 25.51 22.23 21.61
CA ILE D 277 25.15 21.32 22.71
C ILE D 277 24.95 19.91 22.16
N LYS D 278 25.72 18.97 22.69
CA LYS D 278 25.99 17.68 22.06
C LYS D 278 25.12 16.58 22.65
N LEU D 279 23.82 16.58 22.37
CA LEU D 279 22.93 15.54 22.92
C LEU D 279 23.29 14.16 22.37
N SER D 280 23.44 13.22 23.28
CA SER D 280 23.61 11.79 23.02
C SER D 280 22.26 11.06 22.96
N GLY D 281 22.31 9.81 22.51
CA GLY D 281 21.15 8.91 22.51
C GLY D 281 20.01 9.34 21.59
N GLU D 282 18.84 8.76 21.86
CA GLU D 282 17.61 8.93 21.09
C GLU D 282 16.40 9.07 22.02
N LEU D 283 15.26 9.50 21.50
CA LEU D 283 14.09 9.88 22.27
C LEU D 283 13.54 8.69 23.09
N PRO D 284 13.28 8.82 24.40
CA PRO D 284 12.71 7.74 25.20
C PRO D 284 11.38 7.23 24.63
N SER D 285 11.16 5.91 24.65
CA SER D 285 9.85 5.35 24.31
C SER D 285 8.85 5.70 25.43
N PRO D 286 7.71 6.32 25.11
CA PRO D 286 6.63 6.60 26.07
C PRO D 286 6.06 5.34 26.74
N LEU D 287 6.19 4.18 26.09
CA LEU D 287 5.74 2.89 26.60
C LEU D 287 6.61 2.35 27.74
N ASN D 288 7.84 2.84 27.90
CA ASN D 288 8.81 2.42 28.90
C ASN D 288 9.52 3.64 29.55
N PRO D 289 8.79 4.57 30.17
CA PRO D 289 9.32 5.88 30.53
C PRO D 289 10.31 5.79 31.69
N PRO D 290 11.39 6.58 31.70
CA PRO D 290 12.37 6.57 32.77
C PRO D 290 11.85 7.27 34.03
N PRO D 291 12.40 6.96 35.22
CA PRO D 291 12.01 7.57 36.48
C PRO D 291 12.58 8.97 36.63
N GLY D 292 11.96 9.81 37.47
CA GLY D 292 12.37 11.20 37.67
C GLY D 292 12.14 12.08 36.43
N CYS D 293 13.00 13.06 36.21
CA CYS D 293 12.91 13.92 35.04
C CYS D 293 13.18 13.12 33.76
N ALA D 294 12.31 13.22 32.76
CA ALA D 294 12.43 12.44 31.53
C ALA D 294 13.71 12.71 30.72
N PHE D 295 14.35 13.85 30.91
CA PHE D 295 15.59 14.22 30.23
C PHE D 295 16.86 13.74 30.97
N ASN D 296 16.77 13.08 32.13
CA ASN D 296 17.95 12.74 32.94
C ASN D 296 18.94 11.80 32.24
N ALA D 297 18.49 11.00 31.28
CA ALA D 297 19.36 10.16 30.46
C ALA D 297 20.25 10.98 29.50
N ARG D 298 19.90 12.24 29.23
CA ARG D 298 20.52 13.08 28.17
C ARG D 298 21.10 14.40 28.69
N CYS D 299 20.72 14.85 29.88
CA CYS D 299 21.02 16.18 30.37
C CYS D 299 22.49 16.39 30.81
N ARG D 300 23.10 17.51 30.43
CA ARG D 300 24.42 17.94 30.93
C ARG D 300 24.41 18.33 32.39
N ARG D 301 23.32 18.95 32.87
CA ARG D 301 23.18 19.53 34.22
C ARG D 301 22.72 18.54 35.28
N ARG D 302 22.63 17.22 34.99
CA ARG D 302 22.08 16.19 35.88
C ARG D 302 22.62 16.33 37.30
N PHE D 303 21.73 16.25 38.26
CA PHE D 303 21.93 16.56 39.67
C PHE D 303 21.19 15.50 40.50
N GLY D 304 21.45 15.40 41.80
CA GLY D 304 20.88 14.38 42.68
C GLY D 304 19.37 14.11 42.56
N PRO D 305 18.48 15.13 42.60
CA PRO D 305 17.04 14.94 42.51
C PRO D 305 16.53 14.34 41.20
N CYS D 306 17.27 14.50 40.10
CA CYS D 306 16.75 14.27 38.75
C CYS D 306 16.34 12.83 38.45
N THR D 307 16.90 11.85 39.15
CA THR D 307 16.55 10.42 39.03
C THR D 307 15.48 9.98 40.04
N GLN D 308 15.11 10.84 41.00
CA GLN D 308 14.22 10.50 42.11
C GLN D 308 12.82 11.12 41.99
N LEU D 309 12.70 12.36 41.50
CA LEU D 309 11.47 13.18 41.56
C LEU D 309 11.13 13.81 40.20
N GLN D 310 9.86 14.12 39.99
CA GLN D 310 9.37 14.77 38.76
C GLN D 310 9.37 16.29 38.96
N PRO D 311 10.07 17.09 38.14
CA PRO D 311 10.08 18.52 38.29
C PRO D 311 8.74 19.13 37.85
N GLN D 312 8.37 20.25 38.47
CA GLN D 312 7.11 20.97 38.22
C GLN D 312 7.41 22.40 37.76
N LEU D 313 6.57 22.99 36.91
CA LEU D 313 6.81 24.34 36.40
C LEU D 313 6.74 25.37 37.52
N LYS D 314 7.72 26.26 37.59
CA LYS D 314 7.75 27.40 38.51
C LYS D 314 8.10 28.65 37.74
N ASP D 315 7.67 29.79 38.26
CA ASP D 315 7.84 31.09 37.69
C ASP D 315 9.20 31.65 38.05
N TYR D 316 10.08 31.86 37.08
CA TYR D 316 11.34 32.55 37.25
C TYR D 316 11.40 33.72 36.28
N GLY D 317 11.26 34.95 36.79
CA GLY D 317 11.26 36.11 36.01
C GLY D 317 10.24 36.17 34.94
N GLY D 318 9.03 35.64 35.16
CA GLY D 318 7.93 35.66 34.19
C GLY D 318 7.97 34.52 33.18
N GLN D 319 9.02 33.69 33.19
CA GLN D 319 9.20 32.54 32.33
C GLN D 319 9.03 31.26 33.15
N LEU D 320 8.09 30.38 32.78
CA LEU D 320 7.86 29.15 33.50
C LEU D 320 8.85 28.09 33.05
N VAL D 321 9.54 27.41 33.97
CA VAL D 321 10.42 26.27 33.63
C VAL D 321 10.40 25.18 34.72
N ALA D 322 10.52 23.91 34.33
CA ALA D 322 10.53 22.75 35.19
C ALA D 322 11.90 22.08 35.23
N CYS D 323 12.78 22.49 36.16
CA CYS D 323 14.15 22.01 36.23
C CYS D 323 14.80 22.20 37.60
N PHE D 324 15.19 21.14 38.30
CA PHE D 324 15.83 21.23 39.62
C PHE D 324 17.16 22.00 39.63
N ALA D 325 17.90 22.05 38.51
CA ALA D 325 19.12 22.85 38.45
C ALA D 325 18.82 24.35 38.41
N VAL D 326 17.76 24.78 37.70
CA VAL D 326 17.36 26.18 37.71
C VAL D 326 16.89 26.56 39.10
N ASP D 327 16.14 25.69 39.78
CA ASP D 327 15.72 25.95 41.16
C ASP D 327 16.92 26.22 42.07
N GLN D 328 18.05 25.55 41.85
CA GLN D 328 19.26 25.75 42.64
C GLN D 328 20.03 27.01 42.22
N ASP D 329 20.04 27.36 40.94
CA ASP D 329 20.57 28.65 40.48
C ASP D 329 19.80 29.83 41.11
N GLU D 330 18.47 29.77 41.11
CA GLU D 330 17.60 30.85 41.60
C GLU D 330 17.38 30.83 43.11
N ASN D 331 17.65 29.71 43.79
CA ASN D 331 17.59 29.58 45.25
C ASN D 331 18.85 28.88 45.80
N PRO D 332 20.00 29.57 45.86
CA PRO D 332 21.26 28.99 46.34
C PRO D 332 21.21 28.42 47.77
N GLN D 333 20.15 28.69 48.53
CA GLN D 333 19.88 28.15 49.86
C GLN D 333 19.58 26.63 49.88
N ARG D 334 19.16 26.03 48.76
CA ARG D 334 18.87 24.59 48.59
C ARG D 334 20.02 23.70 49.02
#